data_4F4H
#
_entry.id   4F4H
#
_cell.length_a   72.090
_cell.length_b   73.080
_cell.length_c   116.890
_cell.angle_alpha   90.000
_cell.angle_beta   102.760
_cell.angle_gamma   90.000
#
_symmetry.space_group_name_H-M   'P 1 21 1'
#
loop_
_entity.id
_entity.type
_entity.pdbx_description
1 polymer 'Glutamine dependent NAD+ synthetase'
2 non-polymer 'PHOSPHATE ION'
3 non-polymer 1,2-ETHANEDIOL
4 non-polymer 'NITRATE ION'
5 water water
#
_entity_poly.entity_id   1
_entity_poly.type   'polypeptide(L)'
_entity_poly.pdbx_seq_one_letter_code
;GPGSMKTRIALAQLNVTVGDFAGNVAKIVAAAQAAHDAGAHFLIAPELALSGYPPEDLLLRPAFYAASDAALAELAAQLK
PFAGLAVLVGHPLRAPSADGNANRAIERGVPPVDTYNAASLIVGGEVAGTYRKQDLPNTEVFDEKRYFATDAAPYVFELN
GVKFGVVICEDVWHASAAQLAKAAGAQVLIVPNGSPYHMNKDAVRIDILRARIRETGLPMVYVNLVGGQDELVFDGGSFV
LDGAGELVAKMPQFEEGNAIVEFDGARALPAAIAPALSVEAQVYRALVLGVRDYIGKNGFPGAIIGLSGGVDSALVLAVA
VDALGAERVRAVMMPSRYTAGISTTDAADMARRVGVRYDEIAIAPMFDAFRASLAAEFAGLAEDATEENIQARIRGTLLM
ALSNKFGSIVLTTGNKSEMAVGYCTLYGDMAGGFAVIKDIAKTLVYRLCRYRNAAAEYGQPDIVPERILTRAPSAELREN
QTDQDSLPPYDVLDAIMRMYMEEDRPLAEIVAAGYSEADVKRVTRLIKINEYKRRQAPVGIRVTHRAFGRDWRYPITSRF
VESID
;
_entity_poly.pdbx_strand_id   A,B
#
# COMPACT_ATOMS: atom_id res chain seq x y z
N LYS A 6 -39.84 16.98 -23.68
CA LYS A 6 -38.46 17.07 -23.16
C LYS A 6 -38.14 15.82 -22.36
N THR A 7 -36.89 15.39 -22.40
CA THR A 7 -36.46 14.29 -21.53
C THR A 7 -35.92 14.92 -20.26
N ARG A 8 -36.38 14.43 -19.11
CA ARG A 8 -35.95 14.93 -17.80
C ARG A 8 -35.05 13.88 -17.17
N ILE A 9 -33.81 14.26 -16.86
CA ILE A 9 -32.79 13.35 -16.35
C ILE A 9 -32.41 13.79 -14.97
N ALA A 10 -32.47 12.86 -14.01
CA ALA A 10 -32.00 13.11 -12.65
C ALA A 10 -30.55 12.68 -12.49
N LEU A 11 -29.69 13.61 -12.04
CA LEU A 11 -28.29 13.32 -11.74
C LEU A 11 -28.23 13.06 -10.24
N ALA A 12 -27.98 11.81 -9.86
CA ALA A 12 -27.97 11.40 -8.47
C ALA A 12 -26.52 11.43 -7.96
N GLN A 13 -26.14 12.54 -7.33
CA GLN A 13 -24.81 12.75 -6.81
C GLN A 13 -24.81 12.19 -5.37
N LEU A 14 -24.57 10.89 -5.27
CA LEU A 14 -24.83 10.12 -4.05
C LEU A 14 -23.57 9.88 -3.25
N ASN A 15 -23.71 9.85 -1.91
CA ASN A 15 -22.64 9.47 -1.01
C ASN A 15 -22.91 8.07 -0.48
N VAL A 16 -22.47 7.09 -1.27
CA VAL A 16 -22.58 5.66 -0.90
C VAL A 16 -21.37 5.25 -0.03
N THR A 17 -21.46 4.09 0.61
CA THR A 17 -20.41 3.58 1.50
C THR A 17 -19.92 2.23 1.01
N VAL A 18 -18.61 2.09 0.91
CA VAL A 18 -18.00 0.82 0.51
C VAL A 18 -18.56 -0.31 1.33
N GLY A 19 -19.06 -1.32 0.63
CA GLY A 19 -19.57 -2.53 1.28
C GLY A 19 -20.98 -2.49 1.79
N ASP A 20 -21.58 -1.30 1.85
CA ASP A 20 -22.87 -1.11 2.49
C ASP A 20 -23.97 -1.33 1.50
N PHE A 21 -24.13 -2.59 1.09
CA PHE A 21 -25.14 -2.92 0.08
C PHE A 21 -26.55 -2.48 0.49
N ALA A 22 -26.95 -2.82 1.71
CA ALA A 22 -28.27 -2.41 2.18
C ALA A 22 -28.46 -0.90 2.15
N GLY A 23 -27.51 -0.17 2.71
CA GLY A 23 -27.64 1.28 2.77
C GLY A 23 -27.52 1.96 1.43
N ASN A 24 -26.68 1.43 0.55
CA ASN A 24 -26.55 1.98 -0.80
C ASN A 24 -27.82 1.78 -1.62
N VAL A 25 -28.41 0.60 -1.50
CA VAL A 25 -29.70 0.35 -2.10
C VAL A 25 -30.75 1.38 -1.59
N ALA A 26 -30.81 1.58 -0.27
CA ALA A 26 -31.76 2.57 0.31
C ALA A 26 -31.55 3.99 -0.25
N LYS A 27 -30.30 4.39 -0.43
CA LYS A 27 -29.96 5.73 -0.98
C LYS A 27 -30.41 5.85 -2.44
N ILE A 28 -30.16 4.80 -3.21
CA ILE A 28 -30.53 4.84 -4.64
C ILE A 28 -32.06 4.87 -4.77
N VAL A 29 -32.76 4.06 -3.95
CA VAL A 29 -34.23 4.04 -3.99
C VAL A 29 -34.82 5.42 -3.56
N ALA A 30 -34.24 6.04 -2.56
CA ALA A 30 -34.62 7.40 -2.14
C ALA A 30 -34.43 8.40 -3.26
N ALA A 31 -33.30 8.32 -3.94
CA ALA A 31 -33.05 9.20 -5.10
C ALA A 31 -34.06 8.95 -6.22
N ALA A 32 -34.38 7.68 -6.44
CA ALA A 32 -35.35 7.29 -7.44
C ALA A 32 -36.74 7.88 -7.12
N GLN A 33 -37.12 7.86 -5.85
CA GLN A 33 -38.40 8.42 -5.38
CA GLN A 33 -38.41 8.41 -5.49
C GLN A 33 -38.46 9.91 -5.73
N ALA A 34 -37.39 10.62 -5.39
CA ALA A 34 -37.31 12.05 -5.65
C ALA A 34 -37.42 12.35 -7.15
N ALA A 35 -36.70 11.56 -7.95
CA ALA A 35 -36.69 11.70 -9.38
C ALA A 35 -38.08 11.44 -9.95
N HIS A 36 -38.73 10.40 -9.44
CA HIS A 36 -40.06 10.02 -9.93
C HIS A 36 -41.06 11.13 -9.64
N ASP A 37 -40.99 11.71 -8.42
CA ASP A 37 -41.82 12.85 -8.01
C ASP A 37 -41.60 14.07 -8.90
N ALA A 38 -40.38 14.23 -9.41
CA ALA A 38 -40.03 15.33 -10.31
C ALA A 38 -40.27 15.03 -11.79
N GLY A 39 -40.88 13.89 -12.08
CA GLY A 39 -41.25 13.50 -13.44
C GLY A 39 -40.09 13.12 -14.34
N ALA A 40 -38.99 12.65 -13.74
CA ALA A 40 -37.82 12.26 -14.47
C ALA A 40 -38.05 10.95 -15.25
N HIS A 41 -37.49 10.89 -16.43
CA HIS A 41 -37.53 9.68 -17.28
C HIS A 41 -36.42 8.72 -16.92
N PHE A 42 -35.36 9.27 -16.32
CA PHE A 42 -34.09 8.56 -16.23
C PHE A 42 -33.32 9.13 -15.04
N LEU A 43 -32.72 8.24 -14.23
CA LEU A 43 -31.82 8.64 -13.16
C LEU A 43 -30.50 7.95 -13.33
N ILE A 44 -29.42 8.70 -13.14
CA ILE A 44 -28.09 8.20 -13.30
C ILE A 44 -27.33 8.30 -11.95
N ALA A 45 -26.83 7.16 -11.47
CA ALA A 45 -26.03 7.11 -10.25
C ALA A 45 -24.52 6.97 -10.58
N PRO A 46 -23.65 7.14 -9.58
CA PRO A 46 -22.19 7.12 -9.90
C PRO A 46 -21.61 5.74 -10.17
N GLU A 47 -20.31 5.77 -10.50
CA GLU A 47 -19.51 4.60 -10.72
C GLU A 47 -19.52 3.72 -9.46
N LEU A 48 -19.78 2.42 -9.66
CA LEU A 48 -19.85 1.40 -8.59
C LEU A 48 -20.75 1.84 -7.42
N ALA A 49 -21.81 2.62 -7.73
CA ALA A 49 -22.70 3.12 -6.69
C ALA A 49 -23.19 2.02 -5.76
N LEU A 50 -23.53 0.87 -6.32
CA LEU A 50 -24.18 -0.16 -5.54
C LEU A 50 -23.29 -0.67 -4.43
N SER A 51 -22.00 -0.82 -4.73
CA SER A 51 -21.02 -1.41 -3.80
C SER A 51 -20.25 -0.35 -2.99
N GLY A 52 -20.35 0.91 -3.40
CA GLY A 52 -19.44 1.96 -2.95
C GLY A 52 -18.13 1.85 -3.70
N TYR A 53 -17.29 2.85 -3.58
CA TYR A 53 -16.07 2.95 -4.40
C TYR A 53 -14.97 3.74 -3.68
N PRO A 54 -13.70 3.25 -3.76
CA PRO A 54 -13.23 1.96 -4.36
C PRO A 54 -13.18 0.82 -3.32
N PRO A 55 -13.70 -0.37 -3.63
CA PRO A 55 -13.66 -1.49 -2.65
C PRO A 55 -12.33 -2.24 -2.54
N GLU A 56 -11.36 -1.91 -3.41
CA GLU A 56 -10.04 -2.52 -3.37
C GLU A 56 -10.13 -4.05 -3.37
N ASP A 57 -9.41 -4.77 -2.48
CA ASP A 57 -9.34 -6.24 -2.61
C ASP A 57 -10.63 -7.01 -2.26
N LEU A 58 -11.68 -6.31 -1.81
CA LEU A 58 -13.01 -6.94 -1.82
C LEU A 58 -13.33 -7.47 -3.22
N LEU A 59 -12.76 -6.83 -4.24
CA LEU A 59 -12.96 -7.22 -5.64
C LEU A 59 -12.23 -8.45 -6.05
N LEU A 60 -11.46 -9.05 -5.13
CA LEU A 60 -10.88 -10.35 -5.33
C LEU A 60 -11.66 -11.46 -4.61
N ARG A 61 -12.72 -11.10 -3.89
CA ARG A 61 -13.40 -12.03 -2.98
C ARG A 61 -14.71 -12.46 -3.64
N PRO A 62 -14.81 -13.75 -4.00
CA PRO A 62 -16.04 -14.20 -4.68
C PRO A 62 -17.36 -13.81 -3.98
N ALA A 63 -17.41 -13.89 -2.65
CA ALA A 63 -18.62 -13.52 -1.90
C ALA A 63 -19.05 -12.09 -2.14
N PHE A 64 -18.11 -11.20 -2.45
CA PHE A 64 -18.43 -9.80 -2.65
C PHE A 64 -19.27 -9.60 -3.91
N TYR A 65 -18.92 -10.33 -4.96
CA TYR A 65 -19.68 -10.29 -6.21
C TYR A 65 -21.06 -10.95 -6.02
N ALA A 66 -21.10 -12.05 -5.30
CA ALA A 66 -22.40 -12.68 -4.95
C ALA A 66 -23.33 -11.71 -4.21
N ALA A 67 -22.75 -10.97 -3.24
CA ALA A 67 -23.51 -9.97 -2.48
C ALA A 67 -23.98 -8.85 -3.39
N SER A 68 -23.12 -8.44 -4.30
CA SER A 68 -23.46 -7.38 -5.25
C SER A 68 -24.63 -7.82 -6.17
N ASP A 69 -24.59 -9.05 -6.68
CA ASP A 69 -25.70 -9.55 -7.52
C ASP A 69 -27.00 -9.61 -6.74
N ALA A 70 -26.95 -10.06 -5.50
CA ALA A 70 -28.17 -10.10 -4.67
C ALA A 70 -28.70 -8.70 -4.42
N ALA A 71 -27.80 -7.74 -4.16
CA ALA A 71 -28.19 -6.35 -3.96
C ALA A 71 -28.81 -5.74 -5.23
N LEU A 72 -28.27 -6.10 -6.39
CA LEU A 72 -28.79 -5.54 -7.65
C LEU A 72 -30.24 -6.06 -7.88
N ALA A 73 -30.46 -7.34 -7.59
CA ALA A 73 -31.81 -7.96 -7.70
C ALA A 73 -32.81 -7.30 -6.74
N GLU A 74 -32.38 -7.08 -5.52
CA GLU A 74 -33.18 -6.39 -4.54
C GLU A 74 -33.49 -4.97 -5.01
N LEU A 75 -32.47 -4.24 -5.47
CA LEU A 75 -32.69 -2.88 -5.98
C LEU A 75 -33.72 -2.83 -7.11
N ALA A 76 -33.57 -3.73 -8.07
CA ALA A 76 -34.51 -3.79 -9.18
C ALA A 76 -35.93 -3.99 -8.69
N ALA A 77 -36.11 -4.89 -7.72
CA ALA A 77 -37.44 -5.14 -7.15
C ALA A 77 -38.00 -3.90 -6.44
N GLN A 78 -37.15 -3.20 -5.69
CA GLN A 78 -37.59 -2.01 -4.96
C GLN A 78 -37.88 -0.84 -5.88
N LEU A 79 -37.27 -0.83 -7.08
CA LEU A 79 -37.46 0.26 -8.06
C LEU A 79 -38.73 0.07 -8.91
N LYS A 80 -39.25 -1.14 -8.91
CA LYS A 80 -40.36 -1.51 -9.82
C LYS A 80 -41.59 -0.60 -9.73
N PRO A 81 -41.96 -0.14 -8.51
CA PRO A 81 -43.14 0.74 -8.44
C PRO A 81 -43.00 2.11 -9.10
N PHE A 82 -41.77 2.54 -9.39
CA PHE A 82 -41.54 3.82 -10.02
C PHE A 82 -41.71 3.71 -11.53
N ALA A 83 -42.96 3.50 -11.95
CA ALA A 83 -43.29 3.33 -13.37
C ALA A 83 -42.84 4.54 -14.19
N GLY A 84 -42.20 4.29 -15.31
CA GLY A 84 -41.83 5.37 -16.20
C GLY A 84 -40.42 5.92 -15.95
N LEU A 85 -39.78 5.46 -14.89
CA LEU A 85 -38.43 5.90 -14.55
C LEU A 85 -37.42 4.76 -14.75
N ALA A 86 -36.37 5.01 -15.53
CA ALA A 86 -35.26 4.08 -15.77
C ALA A 86 -34.10 4.53 -14.87
N VAL A 87 -33.34 3.59 -14.33
CA VAL A 87 -32.22 3.89 -13.43
C VAL A 87 -30.93 3.24 -13.93
N LEU A 88 -29.89 4.05 -14.14
CA LEU A 88 -28.53 3.54 -14.50
C LEU A 88 -27.68 3.46 -13.22
N VAL A 89 -27.25 2.28 -12.86
CA VAL A 89 -26.51 2.08 -11.60
C VAL A 89 -25.18 1.33 -11.81
N GLY A 90 -24.10 1.87 -11.24
CA GLY A 90 -22.82 1.16 -11.26
C GLY A 90 -22.74 0.01 -10.25
N HIS A 91 -22.00 -1.04 -10.61
CA HIS A 91 -21.79 -2.19 -9.77
C HIS A 91 -20.64 -3.04 -10.28
N PRO A 92 -19.96 -3.76 -9.38
CA PRO A 92 -19.00 -4.77 -9.80
C PRO A 92 -19.73 -5.98 -10.34
N LEU A 93 -19.21 -6.59 -11.38
CA LEU A 93 -19.94 -7.69 -12.00
C LEU A 93 -18.99 -8.82 -12.32
N ARG A 94 -19.42 -10.06 -12.04
CA ARG A 94 -18.63 -11.20 -12.45
C ARG A 94 -19.52 -12.04 -13.39
N ALA A 95 -18.98 -12.40 -14.54
CA ALA A 95 -19.73 -13.21 -15.53
C ALA A 95 -20.21 -14.55 -14.91
N PRO A 96 -21.42 -15.02 -15.30
CA PRO A 96 -21.99 -16.28 -14.74
C PRO A 96 -21.06 -17.48 -14.73
N ALA A 102 -20.41 -20.43 -8.74
CA ALA A 102 -20.83 -19.07 -8.39
C ALA A 102 -19.73 -18.38 -7.55
N ASN A 103 -19.49 -18.91 -6.35
CA ASN A 103 -18.38 -18.45 -5.52
C ASN A 103 -17.10 -19.26 -5.80
N ARG A 104 -16.96 -19.72 -7.04
CA ARG A 104 -15.73 -20.36 -7.45
C ARG A 104 -14.62 -19.35 -7.35
N ALA A 105 -13.43 -19.86 -7.09
CA ALA A 105 -12.30 -19.04 -6.74
C ALA A 105 -11.94 -18.06 -7.86
N ILE A 106 -11.48 -16.87 -7.47
CA ILE A 106 -10.86 -15.91 -8.35
C ILE A 106 -9.35 -16.12 -8.16
N GLU A 107 -8.70 -16.78 -9.14
CA GLU A 107 -7.24 -16.98 -9.10
C GLU A 107 -6.45 -15.64 -9.08
N ARG A 108 -5.78 -15.35 -7.96
CA ARG A 108 -5.07 -14.05 -7.76
C ARG A 108 -3.68 -14.01 -8.40
N GLY A 109 -3.17 -15.16 -8.83
CA GLY A 109 -1.88 -15.23 -9.51
C GLY A 109 -1.85 -14.96 -11.02
N VAL A 110 -3.01 -14.76 -11.64
CA VAL A 110 -3.10 -14.46 -13.11
C VAL A 110 -4.02 -13.24 -13.32
N PRO A 111 -3.99 -12.62 -14.50
CA PRO A 111 -4.79 -11.41 -14.69
C PRO A 111 -6.32 -11.66 -14.57
N PRO A 112 -7.08 -10.61 -14.20
CA PRO A 112 -8.55 -10.75 -14.16
C PRO A 112 -9.06 -11.24 -15.48
N VAL A 113 -10.06 -12.10 -15.45
CA VAL A 113 -10.60 -12.61 -16.67
C VAL A 113 -12.08 -12.33 -16.85
N ASP A 114 -12.87 -12.40 -15.77
CA ASP A 114 -14.32 -12.32 -15.92
C ASP A 114 -15.01 -11.41 -14.91
N THR A 115 -14.26 -10.43 -14.39
CA THR A 115 -14.79 -9.47 -13.43
C THR A 115 -14.72 -8.11 -14.11
N TYR A 116 -15.77 -7.32 -13.96
CA TYR A 116 -15.92 -6.06 -14.68
C TYR A 116 -16.40 -4.93 -13.79
N ASN A 117 -16.03 -3.71 -14.17
CA ASN A 117 -16.61 -2.48 -13.62
C ASN A 117 -17.80 -2.10 -14.54
N ALA A 118 -19.03 -2.24 -14.00
CA ALA A 118 -20.22 -2.29 -14.86
C ALA A 118 -21.22 -1.20 -14.49
N ALA A 119 -22.11 -0.91 -15.42
CA ALA A 119 -23.27 -0.08 -15.14
C ALA A 119 -24.46 -0.70 -15.85
N SER A 120 -25.54 -0.96 -15.10
CA SER A 120 -26.73 -1.60 -15.66
C SER A 120 -27.91 -0.66 -15.58
N LEU A 121 -28.74 -0.71 -16.62
CA LEU A 121 -29.98 0.03 -16.70
C LEU A 121 -31.15 -0.87 -16.23
N ILE A 122 -31.89 -0.36 -15.26
CA ILE A 122 -33.06 -1.06 -14.70
C ILE A 122 -34.32 -0.34 -15.16
N VAL A 123 -35.22 -1.11 -15.78
CA VAL A 123 -36.43 -0.59 -16.38
C VAL A 123 -37.52 -1.59 -15.99
N GLY A 124 -38.64 -1.08 -15.44
CA GLY A 124 -39.78 -1.94 -15.08
C GLY A 124 -39.40 -3.02 -14.09
N GLY A 125 -38.45 -2.71 -13.21
CA GLY A 125 -38.01 -3.68 -12.22
C GLY A 125 -37.14 -4.81 -12.74
N GLU A 126 -36.57 -4.66 -13.94
CA GLU A 126 -35.68 -5.67 -14.49
C GLU A 126 -34.42 -5.04 -15.07
N VAL A 127 -33.31 -5.76 -15.04
CA VAL A 127 -32.08 -5.26 -15.70
C VAL A 127 -32.28 -5.37 -17.20
N ALA A 128 -32.28 -4.24 -17.86
CA ALA A 128 -32.51 -4.17 -19.28
C ALA A 128 -31.24 -4.35 -20.11
N GLY A 129 -30.09 -4.03 -19.53
CA GLY A 129 -28.82 -4.11 -20.27
C GLY A 129 -27.68 -3.60 -19.40
N THR A 130 -26.46 -3.90 -19.83
CA THR A 130 -25.26 -3.67 -19.02
C THR A 130 -24.09 -3.21 -19.89
N TYR A 131 -23.38 -2.20 -19.38
CA TYR A 131 -22.14 -1.74 -19.95
C TYR A 131 -20.98 -2.16 -19.07
N ARG A 132 -19.87 -2.57 -19.68
CA ARG A 132 -18.65 -2.93 -18.92
C ARG A 132 -17.53 -1.97 -19.31
N LYS A 133 -16.82 -1.46 -18.33
CA LYS A 133 -15.75 -0.49 -18.55
C LYS A 133 -14.60 -1.00 -19.47
N GLN A 134 -14.07 -0.09 -20.29
CA GLN A 134 -13.04 -0.41 -21.28
C GLN A 134 -11.63 -0.02 -20.82
N ASP A 135 -11.45 1.19 -20.35
CA ASP A 135 -10.13 1.70 -20.01
C ASP A 135 -9.99 1.77 -18.51
N LEU A 136 -9.11 0.93 -17.97
CA LEU A 136 -9.01 0.77 -16.53
C LEU A 136 -7.85 1.59 -15.94
N PRO A 137 -8.14 2.47 -14.99
CA PRO A 137 -7.07 3.26 -14.42
C PRO A 137 -6.15 2.42 -13.57
N ASN A 138 -4.83 2.58 -13.76
CA ASN A 138 -3.87 1.81 -12.96
C ASN A 138 -2.63 2.62 -12.72
N THR A 139 -2.87 3.86 -12.29
CA THR A 139 -1.82 4.80 -11.92
C THR A 139 -2.41 5.61 -10.74
N GLU A 140 -1.56 6.38 -10.10
CA GLU A 140 -1.99 7.23 -9.01
C GLU A 140 -2.66 6.42 -7.89
N VAL A 141 -3.93 6.70 -7.56
CA VAL A 141 -4.61 6.02 -6.49
C VAL A 141 -5.41 4.80 -6.90
N PHE A 142 -5.37 4.46 -8.19
CA PHE A 142 -6.21 3.34 -8.70
C PHE A 142 -5.36 2.18 -9.25
N ASP A 143 -5.93 0.98 -9.14
CA ASP A 143 -5.26 -0.26 -9.48
C ASP A 143 -6.27 -1.21 -10.18
N GLU A 144 -7.07 -0.68 -11.08
CA GLU A 144 -8.16 -1.46 -11.61
C GLU A 144 -7.73 -2.64 -12.50
N LYS A 145 -6.49 -2.65 -12.96
CA LYS A 145 -6.01 -3.82 -13.72
C LYS A 145 -5.65 -5.01 -12.79
N ARG A 146 -5.61 -4.76 -11.47
CA ARG A 146 -5.56 -5.82 -10.46
C ARG A 146 -6.90 -6.53 -10.31
N TYR A 147 -7.98 -5.84 -10.65
CA TYR A 147 -9.34 -6.27 -10.32
C TYR A 147 -10.23 -6.67 -11.46
N PHE A 148 -10.14 -5.94 -12.59
CA PHE A 148 -11.11 -6.02 -13.65
C PHE A 148 -10.44 -6.33 -15.02
N ALA A 149 -11.21 -6.98 -15.88
CA ALA A 149 -10.90 -7.19 -17.27
C ALA A 149 -11.54 -6.07 -18.11
N THR A 150 -10.93 -5.78 -19.26
CA THR A 150 -11.41 -4.75 -20.20
C THR A 150 -12.53 -5.34 -21.05
N ASP A 151 -13.47 -4.50 -21.45
CA ASP A 151 -14.45 -4.89 -22.42
C ASP A 151 -14.63 -3.71 -23.40
N ALA A 152 -14.50 -3.93 -24.71
CA ALA A 152 -14.74 -2.81 -25.67
C ALA A 152 -16.10 -2.89 -26.40
N ALA A 153 -17.13 -3.43 -25.75
CA ALA A 153 -18.48 -3.44 -26.33
C ALA A 153 -19.22 -2.22 -25.88
N PRO A 154 -19.97 -1.57 -26.76
CA PRO A 154 -20.72 -0.41 -26.33
C PRO A 154 -22.07 -0.80 -25.67
N TYR A 155 -22.72 0.18 -25.04
CA TYR A 155 -24.10 0.00 -24.61
C TYR A 155 -24.87 1.27 -24.89
N VAL A 156 -25.89 1.13 -25.74
CA VAL A 156 -26.72 2.24 -26.17
C VAL A 156 -28.18 1.77 -26.04
N PHE A 157 -29.03 2.62 -25.46
CA PHE A 157 -30.47 2.32 -25.28
C PHE A 157 -31.27 3.56 -25.61
N GLU A 158 -32.58 3.36 -25.83
CA GLU A 158 -33.48 4.42 -26.24
C GLU A 158 -34.49 4.72 -25.14
N LEU A 159 -34.60 5.99 -24.79
CA LEU A 159 -35.57 6.47 -23.81
C LEU A 159 -36.19 7.76 -24.34
N ASN A 160 -37.51 7.84 -24.29
CA ASN A 160 -38.25 9.03 -24.76
C ASN A 160 -37.78 9.48 -26.16
N GLY A 161 -37.46 8.51 -27.01
CA GLY A 161 -37.08 8.74 -28.39
C GLY A 161 -35.66 9.20 -28.70
N VAL A 162 -34.77 9.18 -27.71
CA VAL A 162 -33.38 9.64 -27.85
C VAL A 162 -32.47 8.46 -27.49
N LYS A 163 -31.39 8.25 -28.24
CA LYS A 163 -30.46 7.17 -27.97
C LYS A 163 -29.35 7.69 -27.05
N PHE A 164 -29.13 6.96 -25.97
CA PHE A 164 -28.12 7.28 -24.94
C PHE A 164 -27.05 6.21 -24.91
N GLY A 165 -25.76 6.62 -24.95
CA GLY A 165 -24.68 5.69 -24.83
C GLY A 165 -24.00 5.87 -23.47
N VAL A 166 -23.52 4.78 -22.91
CA VAL A 166 -22.90 4.77 -21.59
C VAL A 166 -21.42 4.47 -21.73
N VAL A 167 -20.59 5.31 -21.11
CA VAL A 167 -19.18 5.00 -20.86
C VAL A 167 -18.88 5.36 -19.39
N ILE A 168 -17.83 4.79 -18.82
CA ILE A 168 -17.60 4.91 -17.40
C ILE A 168 -16.27 5.58 -17.17
N CYS A 169 -16.33 6.70 -16.48
CA CYS A 169 -15.16 7.48 -15.95
C CYS A 169 -13.99 7.52 -16.93
N GLU A 170 -12.89 6.80 -16.67
CA GLU A 170 -11.67 6.92 -17.45
C GLU A 170 -11.77 6.44 -18.89
N ASP A 171 -12.90 5.82 -19.25
CA ASP A 171 -13.22 5.58 -20.66
C ASP A 171 -13.17 6.84 -21.51
N VAL A 172 -13.35 8.00 -20.89
CA VAL A 172 -13.25 9.28 -21.60
C VAL A 172 -11.82 9.76 -21.89
N TRP A 173 -10.78 9.09 -21.35
CA TRP A 173 -9.37 9.54 -21.57
C TRP A 173 -8.87 9.34 -22.98
N HIS A 174 -9.55 8.48 -23.75
CA HIS A 174 -9.15 8.16 -25.14
C HIS A 174 -10.38 8.26 -26.01
N ALA A 175 -10.19 8.35 -27.32
CA ALA A 175 -11.28 8.51 -28.27
C ALA A 175 -12.17 7.26 -28.37
N SER A 176 -11.60 6.08 -28.13
CA SER A 176 -12.27 4.79 -28.51
C SER A 176 -13.70 4.58 -27.99
N ALA A 177 -13.88 4.54 -26.66
CA ALA A 177 -15.21 4.17 -26.14
C ALA A 177 -16.33 5.07 -26.66
N ALA A 178 -16.10 6.37 -26.70
CA ALA A 178 -17.10 7.31 -27.23
C ALA A 178 -17.41 7.08 -28.71
N GLN A 179 -16.37 6.77 -29.50
CA GLN A 179 -16.55 6.46 -30.92
C GLN A 179 -17.41 5.22 -31.12
N LEU A 180 -17.15 4.20 -30.29
CA LEU A 180 -17.88 2.93 -30.41
C LEU A 180 -19.34 3.11 -30.03
N ALA A 181 -19.61 3.94 -29.02
CA ALA A 181 -20.98 4.26 -28.63
C ALA A 181 -21.68 5.07 -29.71
N LYS A 182 -20.99 6.06 -30.28
CA LYS A 182 -21.60 6.87 -31.34
C LYS A 182 -21.95 5.97 -32.56
N ALA A 183 -21.05 5.07 -32.93
CA ALA A 183 -21.32 4.16 -34.08
C ALA A 183 -22.45 3.20 -33.77
N ALA A 184 -22.71 2.93 -32.48
CA ALA A 184 -23.85 2.10 -32.04
C ALA A 184 -25.15 2.90 -31.90
N GLY A 185 -25.10 4.18 -32.24
CA GLY A 185 -26.27 5.01 -32.38
C GLY A 185 -26.43 6.10 -31.35
N ALA A 186 -25.48 6.20 -30.42
CA ALA A 186 -25.60 7.21 -29.32
C ALA A 186 -25.76 8.63 -29.85
N GLN A 187 -26.73 9.33 -29.28
CA GLN A 187 -26.90 10.77 -29.55
C GLN A 187 -26.48 11.64 -28.36
N VAL A 188 -26.38 11.02 -27.17
CA VAL A 188 -26.00 11.70 -25.91
C VAL A 188 -25.17 10.67 -25.18
N LEU A 189 -24.07 11.08 -24.58
CA LEU A 189 -23.25 10.17 -23.76
C LEU A 189 -23.48 10.42 -22.29
N ILE A 190 -23.60 9.31 -21.56
CA ILE A 190 -23.89 9.31 -20.12
C ILE A 190 -22.68 8.69 -19.42
N VAL A 191 -22.09 9.41 -18.45
CA VAL A 191 -20.82 8.99 -17.85
C VAL A 191 -20.93 8.98 -16.31
N PRO A 192 -21.11 7.78 -15.73
CA PRO A 192 -20.95 7.61 -14.26
C PRO A 192 -19.47 7.71 -13.92
N ASN A 193 -19.15 8.34 -12.79
CA ASN A 193 -17.77 8.53 -12.35
C ASN A 193 -17.57 8.31 -10.88
N GLY A 194 -16.33 7.88 -10.54
CA GLY A 194 -15.80 7.89 -9.19
C GLY A 194 -14.49 8.63 -9.31
N SER A 195 -14.58 9.94 -9.40
CA SER A 195 -13.46 10.80 -9.63
C SER A 195 -13.06 11.57 -8.37
N PRO A 196 -11.91 11.22 -7.74
CA PRO A 196 -11.58 11.89 -6.47
C PRO A 196 -11.11 13.30 -6.65
N TYR A 197 -11.31 14.11 -5.61
CA TYR A 197 -10.90 15.49 -5.64
C TYR A 197 -9.38 15.61 -5.59
N HIS A 198 -8.86 16.53 -6.37
CA HIS A 198 -7.59 17.18 -6.02
C HIS A 198 -7.68 18.60 -6.52
N MET A 199 -6.83 19.46 -6.01
CA MET A 199 -6.92 20.87 -6.39
C MET A 199 -6.81 20.95 -7.94
N ASN A 200 -7.74 21.69 -8.57
CA ASN A 200 -7.76 21.89 -10.05
C ASN A 200 -8.28 20.68 -10.91
N LYS A 201 -8.77 19.63 -10.25
CA LYS A 201 -9.36 18.45 -10.93
C LYS A 201 -10.59 18.84 -11.76
N ASP A 202 -11.38 19.78 -11.25
CA ASP A 202 -12.55 20.28 -11.98
C ASP A 202 -12.23 20.71 -13.44
N ALA A 203 -11.12 21.43 -13.61
CA ALA A 203 -10.62 21.89 -14.93
C ALA A 203 -10.17 20.73 -15.85
N VAL A 204 -9.48 19.76 -15.25
CA VAL A 204 -9.07 18.54 -15.94
C VAL A 204 -10.31 17.83 -16.54
N ARG A 205 -11.36 17.67 -15.73
CA ARG A 205 -12.58 16.94 -16.20
C ARG A 205 -13.26 17.59 -17.45
N ILE A 206 -13.47 18.91 -17.38
CA ILE A 206 -14.12 19.63 -18.48
C ILE A 206 -13.24 19.59 -19.72
N ASP A 207 -11.93 19.74 -19.55
CA ASP A 207 -11.02 19.73 -20.68
C ASP A 207 -11.01 18.39 -21.44
N ILE A 208 -10.96 17.28 -20.69
CA ILE A 208 -10.94 15.96 -21.31
C ILE A 208 -12.28 15.67 -22.01
N LEU A 209 -13.39 15.99 -21.38
CA LEU A 209 -14.70 15.78 -22.03
C LEU A 209 -14.82 16.66 -23.31
N ARG A 210 -14.29 17.88 -23.26
CA ARG A 210 -14.30 18.73 -24.48
C ARG A 210 -13.49 18.11 -25.65
N ALA A 211 -12.42 17.41 -25.34
CA ALA A 211 -11.63 16.72 -26.36
C ALA A 211 -12.46 15.63 -27.04
N ARG A 212 -13.28 14.92 -26.23
CA ARG A 212 -14.18 13.92 -26.78
C ARG A 212 -15.31 14.53 -27.58
N ILE A 213 -15.87 15.64 -27.10
CA ILE A 213 -16.96 16.29 -27.78
C ILE A 213 -16.50 16.86 -29.15
N ARG A 214 -15.26 17.35 -29.23
CA ARG A 214 -14.66 17.74 -30.53
C ARG A 214 -14.69 16.60 -31.53
N GLU A 215 -14.51 15.36 -31.05
CA GLU A 215 -14.44 14.17 -31.91
C GLU A 215 -15.80 13.60 -32.24
N THR A 216 -16.79 13.80 -31.37
CA THR A 216 -18.09 13.17 -31.55
C THR A 216 -19.25 14.10 -31.88
N GLY A 217 -19.21 15.34 -31.36
CA GLY A 217 -20.34 16.24 -31.46
C GLY A 217 -21.52 15.91 -30.53
N LEU A 218 -21.33 14.99 -29.58
CA LEU A 218 -22.41 14.58 -28.68
C LEU A 218 -22.31 15.25 -27.33
N PRO A 219 -23.46 15.72 -26.80
CA PRO A 219 -23.48 16.22 -25.41
C PRO A 219 -23.11 15.13 -24.43
N MET A 220 -22.57 15.53 -23.28
CA MET A 220 -22.14 14.57 -22.28
C MET A 220 -22.69 14.93 -20.89
N VAL A 221 -23.16 13.92 -20.18
CA VAL A 221 -23.68 14.05 -18.83
C VAL A 221 -22.73 13.33 -17.87
N TYR A 222 -22.12 14.09 -16.95
CA TYR A 222 -21.04 13.59 -16.09
C TYR A 222 -21.57 13.57 -14.66
N VAL A 223 -21.83 12.36 -14.13
CA VAL A 223 -22.31 12.20 -12.74
C VAL A 223 -21.19 11.63 -11.88
N ASN A 224 -20.85 12.33 -10.80
CA ASN A 224 -19.77 11.93 -9.91
C ASN A 224 -20.26 11.61 -8.50
N LEU A 225 -19.59 10.63 -7.90
CA LEU A 225 -19.67 10.30 -6.52
C LEU A 225 -19.29 11.50 -5.66
N VAL A 226 -19.82 11.52 -4.45
CA VAL A 226 -19.39 12.45 -3.41
C VAL A 226 -19.16 11.67 -2.12
N GLY A 227 -18.28 12.17 -1.27
CA GLY A 227 -18.04 11.57 0.02
C GLY A 227 -16.61 11.09 0.26
N GLY A 228 -16.31 10.83 1.53
CA GLY A 228 -14.98 10.34 1.95
C GLY A 228 -14.92 8.84 1.89
N GLN A 229 -13.77 8.31 1.47
CA GLN A 229 -13.47 6.88 1.51
C GLN A 229 -12.00 6.70 1.76
N ASP A 230 -11.67 6.47 3.03
CA ASP A 230 -10.29 6.40 3.52
C ASP A 230 -9.50 7.66 3.10
N GLU A 231 -8.46 7.55 2.26
CA GLU A 231 -7.73 8.78 1.90
C GLU A 231 -8.46 9.68 0.92
N LEU A 232 -9.40 9.11 0.16
CA LEU A 232 -10.01 9.84 -0.94
C LEU A 232 -11.20 10.67 -0.47
N VAL A 233 -11.39 11.82 -1.10
CA VAL A 233 -12.64 12.58 -0.97
C VAL A 233 -13.19 12.83 -2.37
N PHE A 234 -14.34 12.26 -2.65
CA PHE A 234 -15.04 12.49 -3.90
C PHE A 234 -15.80 13.80 -3.73
N ASP A 235 -15.68 14.69 -4.71
CA ASP A 235 -16.23 16.03 -4.56
C ASP A 235 -17.55 16.27 -5.25
N GLY A 236 -18.12 15.29 -5.90
CA GLY A 236 -19.34 15.56 -6.66
C GLY A 236 -19.01 16.48 -7.84
N GLY A 237 -19.67 17.64 -7.91
CA GLY A 237 -19.42 18.55 -9.03
C GLY A 237 -19.88 17.98 -10.38
N SER A 238 -20.99 17.24 -10.35
CA SER A 238 -21.57 16.64 -11.57
C SER A 238 -21.95 17.74 -12.53
N PHE A 239 -21.85 17.48 -13.83
CA PHE A 239 -22.10 18.55 -14.82
C PHE A 239 -22.58 18.00 -16.18
N VAL A 240 -23.11 18.91 -16.98
CA VAL A 240 -23.51 18.62 -18.34
C VAL A 240 -22.85 19.60 -19.33
N LEU A 241 -22.30 19.04 -20.42
CA LEU A 241 -21.82 19.81 -21.53
C LEU A 241 -22.71 19.56 -22.74
N ASP A 242 -23.02 20.61 -23.49
CA ASP A 242 -23.81 20.46 -24.67
C ASP A 242 -22.92 19.99 -25.82
N GLY A 243 -23.48 19.82 -27.01
CA GLY A 243 -22.73 19.23 -28.11
C GLY A 243 -21.60 20.08 -28.71
N ALA A 244 -21.52 21.35 -28.31
CA ALA A 244 -20.40 22.25 -28.63
C ALA A 244 -19.43 22.42 -27.48
N GLY A 245 -19.63 21.67 -26.41
CA GLY A 245 -18.76 21.72 -25.27
C GLY A 245 -19.05 22.82 -24.25
N GLU A 246 -20.17 23.50 -24.39
CA GLU A 246 -20.56 24.56 -23.46
C GLU A 246 -21.12 23.92 -22.17
N LEU A 247 -20.77 24.51 -21.04
CA LEU A 247 -21.26 24.03 -19.74
C LEU A 247 -22.69 24.51 -19.56
N VAL A 248 -23.64 23.60 -19.42
CA VAL A 248 -25.04 24.01 -19.29
C VAL A 248 -25.66 23.67 -17.91
N ALA A 249 -24.99 22.85 -17.12
CA ALA A 249 -25.45 22.54 -15.77
C ALA A 249 -24.25 22.10 -14.94
N LYS A 250 -24.22 22.53 -13.68
CA LYS A 250 -23.22 22.05 -12.75
C LYS A 250 -23.74 22.00 -11.33
N MET A 251 -23.59 20.83 -10.70
CA MET A 251 -24.00 20.64 -9.34
C MET A 251 -22.92 21.12 -8.34
N PRO A 252 -23.32 21.39 -7.09
CA PRO A 252 -22.33 21.83 -6.09
C PRO A 252 -21.25 20.77 -5.80
N GLN A 253 -20.11 21.23 -5.27
CA GLN A 253 -19.07 20.33 -4.80
C GLN A 253 -19.29 20.02 -3.33
N PHE A 254 -18.94 18.78 -2.95
CA PHE A 254 -18.91 18.29 -1.56
C PHE A 254 -20.28 18.19 -0.87
N GLU A 255 -21.36 18.13 -1.68
CA GLU A 255 -22.73 17.97 -1.22
C GLU A 255 -23.39 16.86 -1.97
N GLU A 256 -24.26 16.11 -1.32
CA GLU A 256 -25.09 15.15 -1.99
C GLU A 256 -26.30 15.83 -2.52
N GLY A 257 -26.84 15.33 -3.60
CA GLY A 257 -28.15 15.78 -4.01
C GLY A 257 -28.54 15.15 -5.32
N ASN A 258 -29.70 15.58 -5.80
CA ASN A 258 -30.30 15.11 -7.02
C ASN A 258 -30.54 16.42 -7.78
N ALA A 259 -30.23 16.47 -9.05
CA ALA A 259 -30.59 17.64 -9.86
C ALA A 259 -31.21 17.19 -11.14
N ILE A 260 -32.22 17.92 -11.63
CA ILE A 260 -32.86 17.58 -12.91
C ILE A 260 -32.26 18.47 -14.01
N VAL A 261 -31.90 17.84 -15.11
CA VAL A 261 -31.52 18.53 -16.34
C VAL A 261 -32.45 18.03 -17.47
N GLU A 262 -32.71 18.88 -18.43
CA GLU A 262 -33.62 18.56 -19.51
C GLU A 262 -32.92 18.52 -20.85
N PHE A 263 -33.44 17.67 -21.73
CA PHE A 263 -32.98 17.61 -23.09
C PHE A 263 -34.20 17.82 -24.01
N ASP A 264 -34.01 18.60 -25.08
CA ASP A 264 -35.04 18.73 -26.14
C ASP A 264 -34.54 17.93 -27.33
N GLY A 265 -35.11 16.74 -27.54
CA GLY A 265 -34.46 15.75 -28.40
C GLY A 265 -33.07 15.50 -27.82
N ALA A 266 -32.03 15.61 -28.64
CA ALA A 266 -30.64 15.40 -28.17
C ALA A 266 -29.91 16.69 -27.74
N ARG A 267 -30.64 17.81 -27.68
CA ARG A 267 -30.07 19.11 -27.32
C ARG A 267 -30.13 19.33 -25.80
N ALA A 268 -28.98 19.51 -25.15
CA ALA A 268 -28.91 19.78 -23.71
C ALA A 268 -29.38 21.23 -23.41
N LEU A 269 -30.36 21.39 -22.53
CA LEU A 269 -30.89 22.71 -22.17
C LEU A 269 -30.24 23.26 -20.90
N PRO A 270 -30.06 24.59 -20.83
CA PRO A 270 -29.44 25.17 -19.61
C PRO A 270 -30.21 24.87 -18.34
N ALA A 271 -29.47 24.66 -17.25
CA ALA A 271 -30.05 24.44 -15.95
C ALA A 271 -29.12 25.13 -14.93
N ALA A 272 -29.30 24.85 -13.64
CA ALA A 272 -28.51 25.51 -12.59
C ALA A 272 -27.00 25.19 -12.71
N ILE A 273 -26.18 26.24 -12.59
CA ILE A 273 -24.73 26.14 -12.50
C ILE A 273 -24.35 26.69 -11.11
N ALA A 274 -23.84 25.82 -10.24
CA ALA A 274 -23.50 26.19 -8.86
C ALA A 274 -22.41 27.25 -8.84
N PRO A 275 -22.45 28.16 -7.86
CA PRO A 275 -21.39 29.16 -7.74
C PRO A 275 -20.04 28.55 -7.41
N ALA A 276 -18.98 29.22 -7.82
CA ALA A 276 -17.64 28.70 -7.62
C ALA A 276 -17.18 28.87 -6.19
N LEU A 277 -16.16 28.08 -5.87
CA LEU A 277 -15.47 28.08 -4.58
C LEU A 277 -14.01 28.33 -4.85
N SER A 278 -13.36 29.13 -4.03
CA SER A 278 -11.92 29.28 -4.12
C SER A 278 -11.23 27.92 -3.86
N VAL A 279 -9.96 27.85 -4.25
CA VAL A 279 -9.18 26.64 -3.95
C VAL A 279 -9.15 26.36 -2.47
N GLU A 280 -8.91 27.40 -1.64
CA GLU A 280 -8.90 27.21 -0.19
C GLU A 280 -10.25 26.70 0.32
N ALA A 281 -11.33 27.29 -0.19
CA ALA A 281 -12.68 26.86 0.21
C ALA A 281 -12.96 25.40 -0.13
N GLN A 282 -12.48 24.95 -1.28
CA GLN A 282 -12.61 23.58 -1.73
C GLN A 282 -11.84 22.64 -0.84
N VAL A 283 -10.58 22.97 -0.61
CA VAL A 283 -9.71 22.14 0.22
C VAL A 283 -10.33 22.03 1.64
N TYR A 284 -10.75 23.16 2.18
CA TYR A 284 -11.37 23.16 3.51
C TYR A 284 -12.59 22.23 3.54
N ARG A 285 -13.50 22.34 2.58
CA ARG A 285 -14.66 21.46 2.54
C ARG A 285 -14.30 19.97 2.37
N ALA A 286 -13.25 19.70 1.59
CA ALA A 286 -12.72 18.32 1.45
C ALA A 286 -12.28 17.75 2.78
N LEU A 287 -11.56 18.57 3.58
CA LEU A 287 -11.13 18.14 4.95
C LEU A 287 -12.32 17.87 5.86
N VAL A 288 -13.30 18.78 5.82
CA VAL A 288 -14.53 18.61 6.61
C VAL A 288 -15.28 17.35 6.22
N LEU A 289 -15.48 17.14 4.92
CA LEU A 289 -16.23 15.96 4.47
C LEU A 289 -15.47 14.65 4.77
N GLY A 290 -14.14 14.66 4.59
CA GLY A 290 -13.34 13.53 4.91
C GLY A 290 -13.42 13.14 6.38
N VAL A 291 -13.32 14.12 7.28
CA VAL A 291 -13.46 13.83 8.71
C VAL A 291 -14.89 13.33 9.03
N ARG A 292 -15.90 13.99 8.49
CA ARG A 292 -17.28 13.64 8.79
C ARG A 292 -17.56 12.21 8.38
N ASP A 293 -17.04 11.85 7.21
CA ASP A 293 -17.32 10.53 6.68
C ASP A 293 -16.44 9.44 7.30
N TYR A 294 -15.19 9.75 7.65
CA TYR A 294 -14.36 8.71 8.30
C TYR A 294 -14.98 8.36 9.66
N ILE A 295 -15.40 9.36 10.39
CA ILE A 295 -16.05 9.13 11.71
C ILE A 295 -17.40 8.45 11.51
N GLY A 296 -18.22 8.99 10.64
CA GLY A 296 -19.57 8.46 10.47
C GLY A 296 -19.63 7.07 9.85
N LYS A 297 -18.90 6.86 8.76
CA LYS A 297 -19.01 5.58 8.07
C LYS A 297 -18.42 4.44 8.86
N ASN A 298 -17.48 4.75 9.76
CA ASN A 298 -16.84 3.73 10.60
C ASN A 298 -17.53 3.58 11.97
N GLY A 299 -18.57 4.35 12.22
CA GLY A 299 -19.30 4.24 13.48
C GLY A 299 -18.56 4.73 14.72
N PHE A 300 -17.69 5.73 14.59
CA PHE A 300 -17.08 6.33 15.77
C PHE A 300 -18.01 7.35 16.36
N PRO A 301 -18.03 7.48 17.71
CA PRO A 301 -18.94 8.39 18.37
C PRO A 301 -18.46 9.86 18.41
N GLY A 302 -17.20 10.11 18.08
CA GLY A 302 -16.61 11.45 18.26
C GLY A 302 -15.13 11.45 17.98
N ALA A 303 -14.46 12.56 18.32
CA ALA A 303 -13.04 12.77 18.00
C ALA A 303 -12.35 13.38 19.19
N ILE A 304 -11.07 13.08 19.31
CA ILE A 304 -10.19 13.64 20.31
C ILE A 304 -9.07 14.33 19.58
N ILE A 305 -8.71 15.55 20.00
CA ILE A 305 -7.59 16.27 19.40
C ILE A 305 -6.60 16.75 20.45
N GLY A 306 -5.33 16.43 20.27
CA GLY A 306 -4.24 17.01 21.08
C GLY A 306 -3.97 18.44 20.65
N LEU A 307 -4.15 19.39 21.56
CA LEU A 307 -3.97 20.80 21.25
C LEU A 307 -2.66 21.30 21.82
N SER A 308 -1.83 21.88 20.97
CA SER A 308 -0.51 22.35 21.40
C SER A 308 -0.46 23.85 21.64
N GLY A 309 -1.48 24.56 21.18
CA GLY A 309 -1.44 26.00 21.07
C GLY A 309 -0.89 26.53 19.75
N GLY A 310 -0.46 25.63 18.86
CA GLY A 310 0.01 26.00 17.52
C GLY A 310 -1.05 25.98 16.43
N VAL A 311 -0.68 26.46 15.26
CA VAL A 311 -1.63 26.60 14.14
C VAL A 311 -2.18 25.24 13.62
N ASP A 312 -1.34 24.22 13.56
CA ASP A 312 -1.79 22.95 12.91
C ASP A 312 -2.93 22.31 13.71
N SER A 313 -2.77 22.16 15.05
CA SER A 313 -3.84 21.51 15.81
C SER A 313 -5.08 22.44 15.88
N ALA A 314 -4.86 23.74 15.78
CA ALA A 314 -5.98 24.69 15.70
C ALA A 314 -6.81 24.44 14.44
N LEU A 315 -6.15 24.28 13.31
CA LEU A 315 -6.83 23.95 12.06
C LEU A 315 -7.58 22.65 12.17
N VAL A 316 -6.94 21.61 12.70
CA VAL A 316 -7.61 20.32 12.80
C VAL A 316 -8.84 20.43 13.74
N LEU A 317 -8.71 21.19 14.83
CA LEU A 317 -9.86 21.44 15.73
C LEU A 317 -11.05 22.08 15.00
N ALA A 318 -10.75 23.10 14.22
CA ALA A 318 -11.76 23.80 13.45
C ALA A 318 -12.49 22.87 12.45
N VAL A 319 -11.72 22.10 11.70
CA VAL A 319 -12.27 21.12 10.76
C VAL A 319 -13.16 20.10 11.50
N ALA A 320 -12.68 19.58 12.65
CA ALA A 320 -13.40 18.58 13.37
C ALA A 320 -14.74 19.11 13.89
N VAL A 321 -14.74 20.33 14.41
CA VAL A 321 -16.01 20.94 14.90
C VAL A 321 -16.98 21.18 13.74
N ASP A 322 -16.47 21.65 12.61
CA ASP A 322 -17.34 21.88 11.44
C ASP A 322 -17.88 20.54 10.95
N ALA A 323 -17.08 19.49 11.02
CA ALA A 323 -17.47 18.16 10.51
C ALA A 323 -18.48 17.51 11.41
N LEU A 324 -18.24 17.55 12.72
CA LEU A 324 -18.96 16.69 13.69
C LEU A 324 -19.91 17.41 14.65
N GLY A 325 -19.70 18.72 14.79
CA GLY A 325 -20.31 19.50 15.90
C GLY A 325 -19.48 19.49 17.18
N ALA A 326 -19.48 20.61 17.88
CA ALA A 326 -18.64 20.78 19.08
C ALA A 326 -18.87 19.69 20.12
N GLU A 327 -20.10 19.15 20.18
CA GLU A 327 -20.47 18.19 21.20
C GLU A 327 -19.81 16.81 21.02
N ARG A 328 -19.30 16.55 19.81
CA ARG A 328 -18.64 15.29 19.52
C ARG A 328 -17.11 15.41 19.44
N VAL A 329 -16.55 16.53 19.90
CA VAL A 329 -15.13 16.77 19.84
C VAL A 329 -14.64 17.14 21.23
N ARG A 330 -13.50 16.58 21.61
CA ARG A 330 -12.85 17.05 22.83
C ARG A 330 -11.39 17.39 22.55
N ALA A 331 -10.91 18.41 23.25
CA ALA A 331 -9.54 18.89 23.11
C ALA A 331 -8.75 18.55 24.40
N VAL A 332 -7.51 18.06 24.24
CA VAL A 332 -6.65 17.72 25.37
C VAL A 332 -5.29 18.37 25.18
N MET A 333 -4.88 19.14 26.18
CA MET A 333 -3.56 19.76 26.22
C MET A 333 -2.77 18.93 27.25
N MET A 334 -1.51 18.63 26.92
CA MET A 334 -0.71 17.72 27.74
C MET A 334 0.62 18.39 28.01
N PRO A 335 0.62 19.39 28.91
CA PRO A 335 1.87 20.11 29.16
C PRO A 335 2.92 19.28 29.88
N SER A 336 4.16 19.51 29.50
CA SER A 336 5.29 19.03 30.21
C SER A 336 5.57 20.07 31.32
N ARG A 337 6.59 19.81 32.12
CA ARG A 337 6.87 20.67 33.25
C ARG A 337 7.09 22.12 32.80
N TYR A 338 7.68 22.30 31.61
CA TYR A 338 8.08 23.62 31.10
C TYR A 338 7.36 24.11 29.83
N THR A 339 6.22 23.52 29.52
CA THR A 339 5.39 24.08 28.46
C THR A 339 5.08 25.51 28.79
N ALA A 340 5.29 26.40 27.81
CA ALA A 340 5.05 27.83 28.02
C ALA A 340 3.59 28.12 28.37
N GLY A 341 3.38 29.04 29.31
CA GLY A 341 2.03 29.46 29.71
C GLY A 341 1.18 30.04 28.57
N ILE A 342 1.83 30.69 27.60
CA ILE A 342 1.13 31.23 26.43
C ILE A 342 0.45 30.09 25.66
N SER A 343 1.11 28.94 25.64
CA SER A 343 0.56 27.77 24.88
C SER A 343 -0.71 27.22 25.50
N THR A 344 -0.72 27.06 26.82
CA THR A 344 -1.88 26.51 27.49
C THR A 344 -3.03 27.51 27.52
N THR A 345 -2.73 28.81 27.66
CA THR A 345 -3.76 29.83 27.54
C THR A 345 -4.37 29.82 26.14
N ASP A 346 -3.52 29.78 25.12
CA ASP A 346 -4.01 29.80 23.70
C ASP A 346 -4.83 28.56 23.38
N ALA A 347 -4.38 27.40 23.89
CA ALA A 347 -5.11 26.14 23.69
C ALA A 347 -6.49 26.21 24.36
N ALA A 348 -6.55 26.64 25.61
CA ALA A 348 -7.81 26.73 26.32
C ALA A 348 -8.73 27.73 25.64
N ASP A 349 -8.15 28.84 25.18
CA ASP A 349 -8.96 29.89 24.55
C ASP A 349 -9.61 29.36 23.23
N MET A 350 -8.81 28.66 22.45
CA MET A 350 -9.27 28.06 21.16
C MET A 350 -10.43 27.11 21.40
N ALA A 351 -10.27 26.21 22.39
CA ALA A 351 -11.35 25.28 22.73
C ALA A 351 -12.63 25.99 23.17
N ARG A 352 -12.51 27.06 23.98
CA ARG A 352 -13.68 27.87 24.40
C ARG A 352 -14.39 28.52 23.22
N ARG A 353 -13.62 29.09 22.29
CA ARG A 353 -14.16 29.77 21.11
C ARG A 353 -15.03 28.85 20.23
N VAL A 354 -14.65 27.59 20.11
CA VAL A 354 -15.45 26.65 19.30
C VAL A 354 -16.38 25.82 20.15
N GLY A 355 -16.34 26.04 21.46
CA GLY A 355 -17.31 25.44 22.37
C GLY A 355 -17.07 23.97 22.67
N VAL A 356 -15.82 23.54 22.68
CA VAL A 356 -15.52 22.13 22.97
C VAL A 356 -14.94 21.89 24.36
N ARG A 357 -15.25 20.72 24.89
CA ARG A 357 -14.66 20.19 26.11
C ARG A 357 -13.13 20.27 26.05
N TYR A 358 -12.53 20.83 27.10
CA TYR A 358 -11.09 20.97 27.21
C TYR A 358 -10.56 20.41 28.52
N ASP A 359 -9.46 19.67 28.46
CA ASP A 359 -8.81 19.10 29.65
C ASP A 359 -7.30 19.22 29.51
N GLU A 360 -6.63 19.41 30.64
CA GLU A 360 -5.19 19.38 30.67
C GLU A 360 -4.75 18.19 31.49
N ILE A 361 -3.80 17.43 30.94
CA ILE A 361 -3.21 16.28 31.64
C ILE A 361 -1.70 16.47 31.63
N ALA A 362 -1.12 16.72 32.81
CA ALA A 362 0.32 16.96 32.93
C ALA A 362 1.07 15.65 32.68
N ILE A 363 2.16 15.72 31.94
CA ILE A 363 2.92 14.51 31.62
C ILE A 363 4.20 14.32 32.43
N ALA A 364 4.56 15.29 33.28
CA ALA A 364 5.82 15.20 34.01
C ALA A 364 5.93 13.91 34.85
N PRO A 365 4.83 13.46 35.49
CA PRO A 365 5.03 12.25 36.30
C PRO A 365 5.40 11.00 35.48
N MET A 366 4.78 10.83 34.32
CA MET A 366 5.17 9.74 33.40
C MET A 366 6.61 9.95 32.89
N PHE A 367 6.93 11.17 32.50
CA PHE A 367 8.23 11.45 31.91
C PHE A 367 9.36 11.23 32.90
N ASP A 368 9.14 11.67 34.14
CA ASP A 368 10.14 11.44 35.18
C ASP A 368 10.33 9.95 35.47
N ALA A 369 9.25 9.17 35.42
CA ALA A 369 9.34 7.73 35.61
C ALA A 369 10.14 7.05 34.47
N PHE A 370 9.88 7.41 33.20
CA PHE A 370 10.69 6.92 32.08
C PHE A 370 12.17 7.29 32.24
N ARG A 371 12.44 8.55 32.59
CA ARG A 371 13.83 9.00 32.76
C ARG A 371 14.57 8.18 33.84
N ALA A 372 13.90 7.92 34.96
CA ALA A 372 14.52 7.14 36.06
C ALA A 372 14.77 5.70 35.62
N SER A 373 13.82 5.14 34.84
CA SER A 373 13.96 3.77 34.37
C SER A 373 15.12 3.61 33.38
N LEU A 374 15.47 4.68 32.66
CA LEU A 374 16.54 4.66 31.67
C LEU A 374 17.83 5.31 32.18
N ALA A 375 17.86 5.76 33.43
CA ALA A 375 18.99 6.54 33.92
C ALA A 375 20.33 5.77 33.83
N ALA A 376 20.30 4.48 34.15
CA ALA A 376 21.53 3.68 34.09
C ALA A 376 22.01 3.53 32.64
N GLU A 377 21.07 3.23 31.75
CA GLU A 377 21.36 3.08 30.34
C GLU A 377 21.91 4.39 29.76
N PHE A 378 21.35 5.54 30.16
CA PHE A 378 21.72 6.80 29.53
C PHE A 378 22.74 7.61 30.36
N ALA A 379 23.32 6.96 31.35
CA ALA A 379 24.27 7.61 32.28
C ALA A 379 25.38 8.32 31.51
N GLY A 380 25.56 9.61 31.77
CA GLY A 380 26.62 10.40 31.15
C GLY A 380 26.26 11.07 29.83
N LEU A 381 25.09 10.76 29.27
CA LEU A 381 24.68 11.32 27.99
C LEU A 381 23.75 12.52 28.16
N ALA A 382 23.88 13.50 27.26
CA ALA A 382 22.98 14.64 27.22
C ALA A 382 21.56 14.18 26.87
N GLU A 383 20.56 14.90 27.38
CA GLU A 383 19.20 14.74 26.88
C GLU A 383 19.13 15.40 25.52
N ASP A 384 18.52 14.70 24.56
CA ASP A 384 18.47 15.11 23.14
C ASP A 384 17.09 14.71 22.55
N ALA A 385 17.00 14.46 21.24
CA ALA A 385 15.74 14.11 20.60
C ALA A 385 15.09 12.85 21.20
N THR A 386 15.91 11.97 21.76
CA THR A 386 15.38 10.73 22.36
C THR A 386 14.36 11.07 23.46
N GLU A 387 14.70 12.02 24.32
CA GLU A 387 13.82 12.36 25.42
C GLU A 387 12.61 13.19 24.96
N GLU A 388 12.80 14.02 23.92
CA GLU A 388 11.66 14.70 23.27
C GLU A 388 10.66 13.69 22.73
N ASN A 389 11.19 12.63 22.12
CA ASN A 389 10.30 11.59 21.54
C ASN A 389 9.54 10.82 22.61
N ILE A 390 10.18 10.61 23.76
CA ILE A 390 9.52 9.93 24.87
C ILE A 390 8.32 10.77 25.27
N GLN A 391 8.52 12.09 25.36
CA GLN A 391 7.41 12.99 25.69
C GLN A 391 6.30 12.89 24.68
N ALA A 392 6.62 12.86 23.38
CA ALA A 392 5.60 12.76 22.35
C ALA A 392 4.85 11.44 22.47
N ARG A 393 5.56 10.37 22.80
CA ARG A 393 4.95 9.05 22.95
C ARG A 393 4.06 8.92 24.19
N ILE A 394 4.43 9.63 25.26
CA ILE A 394 3.56 9.73 26.42
C ILE A 394 2.23 10.37 26.01
N ARG A 395 2.28 11.47 25.26
CA ARG A 395 1.05 12.13 24.85
C ARG A 395 0.21 11.22 23.95
N GLY A 396 0.85 10.55 23.00
CA GLY A 396 0.13 9.58 22.18
C GLY A 396 -0.54 8.47 22.98
N THR A 397 0.16 7.96 23.98
CA THR A 397 -0.40 6.95 24.88
C THR A 397 -1.62 7.49 25.65
N LEU A 398 -1.54 8.73 26.16
CA LEU A 398 -2.69 9.36 26.80
C LEU A 398 -3.91 9.49 25.88
N LEU A 399 -3.70 10.01 24.68
CA LEU A 399 -4.86 10.15 23.76
C LEU A 399 -5.43 8.79 23.36
N MET A 400 -4.55 7.83 23.14
CA MET A 400 -5.03 6.48 22.82
C MET A 400 -5.78 5.78 24.00
N ALA A 401 -5.44 6.11 25.23
CA ALA A 401 -6.15 5.57 26.38
C ALA A 401 -7.57 6.13 26.41
N LEU A 402 -7.70 7.44 26.20
CA LEU A 402 -9.02 8.06 26.11
C LEU A 402 -9.82 7.48 24.96
N SER A 403 -9.18 7.31 23.81
CA SER A 403 -9.81 6.66 22.66
C SER A 403 -10.24 5.23 22.97
N ASN A 404 -9.36 4.45 23.61
CA ASN A 404 -9.67 3.05 23.92
C ASN A 404 -10.85 2.94 24.92
N LYS A 405 -10.89 3.80 25.90
CA LYS A 405 -11.91 3.67 26.97
C LYS A 405 -13.28 4.12 26.53
N PHE A 406 -13.34 5.19 25.75
CA PHE A 406 -14.64 5.82 25.44
C PHE A 406 -15.05 5.77 23.98
N GLY A 407 -14.13 5.36 23.11
CA GLY A 407 -14.50 5.05 21.72
C GLY A 407 -14.24 6.09 20.66
N SER A 408 -13.91 7.33 21.04
CA SER A 408 -13.65 8.37 20.04
C SER A 408 -12.29 8.16 19.36
N ILE A 409 -12.22 8.61 18.11
CA ILE A 409 -11.02 8.51 17.32
C ILE A 409 -10.12 9.68 17.59
N VAL A 410 -8.81 9.42 17.67
CA VAL A 410 -7.81 10.49 17.73
C VAL A 410 -7.48 11.03 16.33
N LEU A 411 -7.64 12.33 16.13
CA LEU A 411 -7.28 12.99 14.90
C LEU A 411 -5.90 13.59 15.07
N THR A 412 -4.95 13.16 14.26
CA THR A 412 -3.55 13.62 14.38
C THR A 412 -3.33 14.88 13.57
N THR A 413 -2.29 15.66 13.92
CA THR A 413 -2.16 17.01 13.39
C THR A 413 -0.85 17.27 12.63
N GLY A 414 -0.12 16.20 12.26
CA GLY A 414 1.08 16.33 11.41
C GLY A 414 0.73 16.76 9.98
N ASN A 415 1.46 17.73 9.46
CA ASN A 415 1.18 18.33 8.11
C ASN A 415 2.09 17.70 7.06
N LYS A 416 1.89 18.04 5.79
CA LYS A 416 2.60 17.35 4.70
C LYS A 416 4.09 17.69 4.73
N SER A 417 4.42 18.94 5.10
CA SER A 417 5.83 19.37 5.16
C SER A 417 6.58 18.52 6.19
N GLU A 418 5.95 18.38 7.36
CA GLU A 418 6.47 17.54 8.44
C GLU A 418 6.62 16.08 8.03
N MET A 419 5.59 15.51 7.40
CA MET A 419 5.67 14.12 6.90
C MET A 419 6.86 13.99 5.95
N ALA A 420 7.05 14.98 5.11
CA ALA A 420 8.12 14.96 4.11
C ALA A 420 9.49 14.89 4.71
N VAL A 421 9.81 15.82 5.64
CA VAL A 421 11.17 15.93 6.14
C VAL A 421 11.40 15.28 7.51
N GLY A 422 10.38 14.60 8.01
CA GLY A 422 10.52 13.75 9.18
C GLY A 422 10.44 14.47 10.50
N TYR A 423 9.88 15.69 10.49
CA TYR A 423 9.58 16.45 11.73
C TYR A 423 8.30 15.88 12.33
N CYS A 424 8.41 14.65 12.84
CA CYS A 424 7.29 13.91 13.39
C CYS A 424 7.91 12.71 14.09
N THR A 425 7.11 12.10 14.99
CA THR A 425 7.60 11.02 15.87
C THR A 425 6.64 9.85 15.79
N LEU A 426 7.14 8.70 15.35
CA LEU A 426 6.37 7.45 15.38
C LEU A 426 5.77 7.27 16.77
N TYR A 427 4.48 6.95 16.84
CA TYR A 427 3.79 6.58 18.12
C TYR A 427 3.64 7.77 19.06
N GLY A 428 4.03 8.95 18.58
CA GLY A 428 3.96 10.17 19.38
C GLY A 428 2.92 11.10 18.78
N ASP A 429 3.38 12.16 18.12
CA ASP A 429 2.44 13.07 17.43
C ASP A 429 1.78 12.36 16.26
N MET A 430 2.33 11.21 15.83
CA MET A 430 1.69 10.41 14.77
C MET A 430 0.71 9.38 15.31
N ALA A 431 0.55 9.30 16.65
CA ALA A 431 -0.37 8.33 17.28
C ALA A 431 -1.82 8.76 17.08
N GLY A 432 -2.55 7.96 16.37
CA GLY A 432 -3.98 8.18 16.22
C GLY A 432 -4.57 7.45 15.04
N GLY A 433 -5.82 7.77 14.77
CA GLY A 433 -6.59 7.04 13.82
C GLY A 433 -6.67 7.66 12.45
N PHE A 434 -6.53 8.99 12.35
CA PHE A 434 -6.80 9.68 11.05
C PHE A 434 -6.02 10.98 11.01
N ALA A 435 -5.19 11.13 9.97
CA ALA A 435 -4.25 12.24 9.87
C ALA A 435 -4.87 13.30 8.95
N VAL A 436 -5.60 14.22 9.55
CA VAL A 436 -6.50 15.14 8.84
C VAL A 436 -5.76 15.99 7.83
N ILE A 437 -4.57 16.47 8.22
CA ILE A 437 -3.84 17.41 7.38
C ILE A 437 -2.54 16.88 6.81
N LYS A 438 -2.47 15.55 6.65
CA LYS A 438 -1.28 14.87 6.17
C LYS A 438 -0.90 15.30 4.74
N ASP A 439 -1.86 15.82 3.99
CA ASP A 439 -1.60 16.28 2.63
C ASP A 439 -1.66 17.80 2.48
N ILE A 440 -1.53 18.54 3.60
CA ILE A 440 -1.57 20.00 3.59
C ILE A 440 -0.16 20.51 3.96
N ALA A 441 0.54 21.07 2.97
CA ALA A 441 1.84 21.72 3.23
C ALA A 441 1.68 22.84 4.27
N LYS A 442 2.73 23.12 5.04
CA LYS A 442 2.66 24.19 6.05
C LYS A 442 2.18 25.52 5.46
N THR A 443 2.68 25.87 4.27
CA THR A 443 2.25 27.07 3.53
C THR A 443 0.73 27.11 3.38
N LEU A 444 0.13 25.97 3.04
CA LEU A 444 -1.31 25.85 2.89
C LEU A 444 -2.07 25.81 4.21
N VAL A 445 -1.50 25.25 5.27
CA VAL A 445 -2.12 25.34 6.60
C VAL A 445 -2.46 26.81 6.94
N TYR A 446 -1.50 27.72 6.77
CA TYR A 446 -1.77 29.13 7.06
C TYR A 446 -2.89 29.69 6.19
N ARG A 447 -2.87 29.37 4.90
CA ARG A 447 -3.93 29.83 3.99
C ARG A 447 -5.28 29.30 4.42
N LEU A 448 -5.36 28.03 4.86
CA LEU A 448 -6.66 27.46 5.29
C LEU A 448 -7.18 28.08 6.61
N CYS A 449 -6.26 28.40 7.51
CA CYS A 449 -6.65 29.08 8.75
C CYS A 449 -7.21 30.47 8.42
N ARG A 450 -6.55 31.16 7.48
CA ARG A 450 -7.02 32.49 7.07
C ARG A 450 -8.39 32.38 6.40
N TYR A 451 -8.55 31.39 5.55
CA TYR A 451 -9.86 31.05 4.97
C TYR A 451 -10.96 30.82 6.03
N ARG A 452 -10.69 29.95 7.01
CA ARG A 452 -11.69 29.62 7.97
C ARG A 452 -12.07 30.84 8.84
N ASN A 453 -11.08 31.68 9.16
CA ASN A 453 -11.36 32.93 9.86
C ASN A 453 -12.26 33.82 9.02
N ALA A 454 -11.91 33.92 7.73
CA ALA A 454 -12.68 34.74 6.75
C ALA A 454 -14.11 34.25 6.59
N ALA A 455 -14.31 32.95 6.74
CA ALA A 455 -15.62 32.33 6.55
C ALA A 455 -16.42 32.23 7.84
N ALA A 456 -15.97 32.87 8.92
CA ALA A 456 -16.66 32.81 10.22
C ALA A 456 -18.12 33.26 10.15
N GLU A 457 -18.97 32.61 10.95
CA GLU A 457 -20.37 33.00 11.05
C GLU A 457 -20.43 34.16 12.01
N TYR A 458 -21.53 34.89 11.99
CA TYR A 458 -21.78 35.91 13.04
C TYR A 458 -21.78 35.27 14.42
N GLY A 459 -21.18 35.95 15.38
CA GLY A 459 -21.12 35.45 16.76
C GLY A 459 -19.93 34.56 17.04
N GLN A 460 -19.41 33.90 16.01
CA GLN A 460 -18.15 33.20 16.10
C GLN A 460 -17.06 34.20 15.70
N PRO A 461 -15.95 34.27 16.47
CA PRO A 461 -14.84 35.12 16.05
C PRO A 461 -13.73 34.24 15.49
N ASP A 462 -12.61 34.84 15.12
CA ASP A 462 -11.48 34.08 14.57
C ASP A 462 -11.27 32.80 15.36
N ILE A 463 -11.34 31.66 14.67
CA ILE A 463 -10.91 30.39 15.23
C ILE A 463 -9.45 30.53 15.68
N VAL A 464 -8.60 31.05 14.80
CA VAL A 464 -7.17 31.21 15.08
C VAL A 464 -6.74 32.69 15.10
N PRO A 465 -6.29 33.20 16.27
CA PRO A 465 -5.87 34.61 16.37
C PRO A 465 -4.72 34.98 15.47
N GLU A 466 -4.70 36.23 15.03
CA GLU A 466 -3.64 36.77 14.17
C GLU A 466 -2.24 36.55 14.71
N ARG A 467 -2.09 36.71 16.02
CA ARG A 467 -0.79 36.62 16.69
C ARG A 467 -0.19 35.27 16.44
N ILE A 468 -1.03 34.26 16.54
CA ILE A 468 -0.62 32.89 16.26
C ILE A 468 -0.30 32.73 14.77
N LEU A 469 -1.15 33.26 13.90
CA LEU A 469 -0.93 33.14 12.45
C LEU A 469 0.37 33.83 11.99
N THR A 470 0.66 35.00 12.51
CA THR A 470 1.89 35.72 12.11
C THR A 470 3.14 35.33 12.92
N ARG A 471 2.98 34.52 13.98
CA ARG A 471 4.16 34.04 14.75
C ARG A 471 5.00 33.07 13.92
N LEU A 487 -12.23 -16.73 21.76
CA LEU A 487 -11.54 -17.15 20.53
C LEU A 487 -11.28 -18.65 20.52
N PRO A 488 -11.42 -19.29 19.35
CA PRO A 488 -11.10 -20.71 19.29
C PRO A 488 -9.61 -20.99 19.51
N PRO A 489 -9.23 -22.25 19.76
CA PRO A 489 -7.82 -22.61 19.91
C PRO A 489 -7.06 -22.31 18.63
N TYR A 490 -5.74 -22.16 18.73
CA TYR A 490 -4.95 -21.67 17.62
C TYR A 490 -5.02 -22.52 16.36
N ASP A 491 -5.16 -23.84 16.50
CA ASP A 491 -5.24 -24.71 15.31
C ASP A 491 -6.53 -24.42 14.47
N VAL A 492 -7.62 -24.13 15.17
CA VAL A 492 -8.89 -23.81 14.54
C VAL A 492 -8.86 -22.38 13.99
N LEU A 493 -8.37 -21.46 14.80
CA LEU A 493 -8.23 -20.06 14.39
C LEU A 493 -7.39 -19.96 13.12
N ASP A 494 -6.25 -20.66 13.11
CA ASP A 494 -5.34 -20.59 11.97
C ASP A 494 -5.95 -21.18 10.70
N ALA A 495 -6.76 -22.24 10.85
CA ALA A 495 -7.43 -22.86 9.70
C ALA A 495 -8.47 -21.91 9.14
N ILE A 496 -9.23 -21.26 10.02
CA ILE A 496 -10.22 -20.28 9.57
C ILE A 496 -9.52 -19.09 8.89
N MET A 497 -8.47 -18.57 9.51
CA MET A 497 -7.66 -17.45 8.87
C MET A 497 -7.18 -17.82 7.50
N ARG A 498 -6.63 -19.03 7.34
CA ARG A 498 -6.09 -19.43 6.07
CA ARG A 498 -6.10 -19.46 6.06
C ARG A 498 -7.19 -19.50 5.01
N MET A 499 -8.33 -20.09 5.35
CA MET A 499 -9.40 -20.15 4.37
C MET A 499 -9.96 -18.75 4.00
N TYR A 500 -10.14 -17.90 4.99
CA TYR A 500 -10.78 -16.61 4.79
C TYR A 500 -9.83 -15.59 4.18
N MET A 501 -8.65 -15.47 4.79
CA MET A 501 -7.69 -14.42 4.45
C MET A 501 -6.85 -14.91 3.25
N GLU A 502 -6.20 -16.04 3.39
CA GLU A 502 -5.30 -16.52 2.34
C GLU A 502 -5.99 -17.02 1.12
N GLU A 503 -7.18 -17.59 1.28
CA GLU A 503 -7.87 -18.18 0.13
C GLU A 503 -9.17 -17.50 -0.30
N ASP A 504 -9.57 -16.43 0.39
CA ASP A 504 -10.77 -15.68 0.03
C ASP A 504 -12.03 -16.56 -0.08
N ARG A 505 -12.15 -17.54 0.80
CA ARG A 505 -13.30 -18.45 0.76
C ARG A 505 -14.53 -17.82 1.42
N PRO A 506 -15.73 -18.08 0.87
CA PRO A 506 -16.97 -17.68 1.51
C PRO A 506 -17.16 -18.28 2.90
N LEU A 507 -17.74 -17.49 3.80
CA LEU A 507 -17.98 -17.94 5.17
C LEU A 507 -18.72 -19.26 5.19
N ALA A 508 -19.73 -19.41 4.33
CA ALA A 508 -20.55 -20.64 4.32
C ALA A 508 -19.71 -21.86 3.98
N GLU A 509 -18.68 -21.69 3.15
CA GLU A 509 -17.80 -22.81 2.79
C GLU A 509 -16.84 -23.18 3.93
N ILE A 510 -16.46 -22.19 4.72
CA ILE A 510 -15.63 -22.43 5.88
C ILE A 510 -16.47 -23.24 6.90
N VAL A 511 -17.71 -22.83 7.11
CA VAL A 511 -18.63 -23.61 7.95
C VAL A 511 -18.75 -25.04 7.42
N ALA A 512 -18.95 -25.20 6.10
CA ALA A 512 -19.15 -26.54 5.50
C ALA A 512 -17.92 -27.42 5.59
N ALA A 513 -16.76 -26.82 5.85
CA ALA A 513 -15.53 -27.56 6.06
C ALA A 513 -15.40 -28.12 7.50
N GLY A 514 -16.35 -27.80 8.38
CA GLY A 514 -16.40 -28.40 9.72
C GLY A 514 -16.17 -27.44 10.85
N TYR A 515 -16.14 -26.13 10.55
CA TYR A 515 -15.94 -25.13 11.57
C TYR A 515 -17.28 -24.56 11.96
N SER A 516 -17.43 -24.19 13.23
CA SER A 516 -18.72 -23.75 13.75
C SER A 516 -19.03 -22.37 13.22
N GLU A 517 -20.31 -22.09 13.05
CA GLU A 517 -20.73 -20.75 12.67
C GLU A 517 -20.25 -19.72 13.67
N ALA A 518 -20.23 -20.08 14.95
CA ALA A 518 -19.78 -19.11 15.98
C ALA A 518 -18.32 -18.74 15.76
N ASP A 519 -17.49 -19.76 15.58
CA ASP A 519 -16.04 -19.55 15.39
C ASP A 519 -15.74 -18.75 14.09
N VAL A 520 -16.37 -19.17 13.00
CA VAL A 520 -16.15 -18.54 11.73
C VAL A 520 -16.57 -17.05 11.79
N LYS A 521 -17.76 -16.76 12.35
CA LYS A 521 -18.20 -15.37 12.51
C LYS A 521 -17.22 -14.55 13.37
N ARG A 522 -16.81 -15.11 14.51
CA ARG A 522 -15.94 -14.39 15.44
C ARG A 522 -14.61 -14.03 14.82
N VAL A 523 -13.98 -15.03 14.24
CA VAL A 523 -12.62 -14.86 13.68
C VAL A 523 -12.66 -13.86 12.51
N THR A 524 -13.61 -14.07 11.58
CA THR A 524 -13.64 -13.24 10.37
C THR A 524 -14.11 -11.80 10.65
N ARG A 525 -15.02 -11.59 11.60
CA ARG A 525 -15.38 -10.22 12.00
C ARG A 525 -14.17 -9.50 12.64
N LEU A 526 -13.34 -10.22 13.40
CA LEU A 526 -12.16 -9.59 14.00
C LEU A 526 -11.13 -9.22 12.91
N ILE A 527 -11.01 -10.07 11.89
CA ILE A 527 -10.08 -9.76 10.77
C ILE A 527 -10.49 -8.39 10.15
N LYS A 528 -11.75 -8.22 9.83
CA LYS A 528 -12.22 -6.97 9.27
C LYS A 528 -12.00 -5.78 10.20
N ILE A 529 -12.45 -5.95 11.45
CA ILE A 529 -12.40 -4.88 12.45
C ILE A 529 -11.02 -4.31 12.63
N ASN A 530 -9.99 -5.16 12.46
CA ASN A 530 -8.64 -4.75 12.76
C ASN A 530 -7.79 -4.32 11.58
N GLU A 531 -8.42 -4.05 10.47
CA GLU A 531 -7.70 -3.50 9.32
C GLU A 531 -6.97 -2.21 9.68
N TYR A 532 -7.63 -1.32 10.44
CA TYR A 532 -7.08 -0.01 10.76
C TYR A 532 -5.72 -0.16 11.47
N LYS A 533 -5.64 -1.22 12.27
CA LYS A 533 -4.48 -1.48 13.12
C LYS A 533 -3.32 -2.08 12.30
N ARG A 534 -3.61 -3.07 11.48
CA ARG A 534 -2.61 -3.64 10.60
C ARG A 534 -1.99 -2.59 9.69
N ARG A 535 -2.80 -1.64 9.23
CA ARG A 535 -2.35 -0.65 8.23
C ARG A 535 -1.33 0.32 8.82
N GLN A 536 -1.10 0.30 10.13
CA GLN A 536 0.00 1.08 10.73
C GLN A 536 1.15 0.22 11.22
N ALA A 537 1.09 -1.07 10.94
CA ALA A 537 2.17 -1.98 11.42
C ALA A 537 3.47 -1.78 10.62
N PRO A 538 4.62 -2.13 11.20
CA PRO A 538 5.83 -2.13 10.39
C PRO A 538 5.79 -3.20 9.33
N VAL A 539 6.56 -2.97 8.28
CA VAL A 539 6.76 -3.94 7.24
C VAL A 539 7.27 -5.25 7.87
N GLY A 540 6.85 -6.36 7.32
CA GLY A 540 7.35 -7.68 7.81
C GLY A 540 7.58 -8.63 6.66
N ILE A 541 8.11 -9.80 6.98
CA ILE A 541 8.59 -10.73 5.99
C ILE A 541 7.49 -11.65 5.40
N ARG A 542 7.30 -11.58 4.09
CA ARG A 542 6.34 -12.49 3.41
C ARG A 542 6.93 -13.87 3.18
N VAL A 543 6.22 -14.91 3.67
CA VAL A 543 6.58 -16.30 3.41
C VAL A 543 5.45 -17.13 2.86
N THR A 544 4.25 -16.58 2.85
CA THR A 544 3.06 -17.27 2.30
C THR A 544 2.69 -16.58 0.99
N HIS A 545 1.74 -17.17 0.27
CA HIS A 545 1.24 -16.51 -0.94
C HIS A 545 0.24 -15.37 -0.71
N ARG A 546 -0.07 -15.04 0.55
CA ARG A 546 -1.02 -13.98 0.83
C ARG A 546 -0.78 -13.42 2.20
N ALA A 547 0.23 -12.57 2.28
CA ALA A 547 0.62 -11.90 3.51
C ALA A 547 -0.14 -10.60 3.71
N PHE A 548 0.00 -10.02 4.91
CA PHE A 548 -0.57 -8.69 5.20
C PHE A 548 0.28 -7.50 4.69
N GLY A 549 0.90 -7.65 3.53
CA GLY A 549 1.56 -6.56 2.84
C GLY A 549 0.80 -6.25 1.56
N ARG A 550 1.54 -6.11 0.47
CA ARG A 550 0.94 -5.79 -0.80
C ARG A 550 -0.02 -6.86 -1.32
N ASP A 551 0.03 -8.08 -0.78
CA ASP A 551 -0.95 -9.09 -1.19
C ASP A 551 -2.39 -8.74 -0.71
N TRP A 552 -2.49 -7.89 0.31
CA TRP A 552 -3.75 -7.65 1.06
C TRP A 552 -4.02 -6.17 1.12
N ARG A 553 -4.87 -5.69 0.21
CA ARG A 553 -5.11 -4.24 0.04
C ARG A 553 -6.60 -4.01 0.26
N TYR A 554 -6.96 -3.78 1.53
CA TYR A 554 -8.34 -3.65 1.94
C TYR A 554 -8.67 -2.22 2.36
N PRO A 555 -9.93 -1.81 2.15
CA PRO A 555 -10.36 -0.55 2.70
C PRO A 555 -10.43 -0.66 4.23
N ILE A 556 -10.14 0.46 4.93
CA ILE A 556 -10.50 0.54 6.34
C ILE A 556 -12.00 0.81 6.47
N THR A 557 -12.48 1.84 5.77
CA THR A 557 -13.90 2.17 5.78
C THR A 557 -14.67 1.18 4.94
N SER A 558 -15.46 0.35 5.60
CA SER A 558 -16.22 -0.71 4.93
C SER A 558 -17.29 -1.20 5.82
N ARG A 559 -18.48 -1.39 5.26
CA ARG A 559 -19.58 -2.00 5.99
CA ARG A 559 -19.59 -1.99 5.98
C ARG A 559 -19.95 -3.35 5.37
N PHE A 560 -19.00 -4.00 4.69
CA PHE A 560 -19.29 -5.30 4.12
C PHE A 560 -19.42 -6.35 5.18
N VAL A 561 -20.61 -6.92 5.25
CA VAL A 561 -20.89 -7.99 6.19
C VAL A 561 -21.41 -9.16 5.38
N GLU A 562 -20.64 -10.21 5.35
CA GLU A 562 -20.96 -11.38 4.58
C GLU A 562 -21.89 -12.27 5.37
N SER A 563 -22.88 -12.85 4.68
CA SER A 563 -23.77 -13.82 5.33
C SER A 563 -23.01 -15.07 5.72
N ILE A 564 -23.38 -15.65 6.86
CA ILE A 564 -22.75 -16.89 7.38
C ILE A 564 -23.26 -18.14 6.64
N ASP A 565 -24.42 -18.03 5.99
CA ASP A 565 -24.98 -19.15 5.21
C ASP A 565 -25.27 -18.73 3.78
N GLY B 3 30.16 -31.23 -35.55
CA GLY B 3 28.77 -31.47 -34.96
C GLY B 3 28.35 -30.25 -34.12
N SER B 4 28.26 -30.41 -32.80
CA SER B 4 27.89 -29.30 -31.90
C SER B 4 29.06 -28.81 -31.00
N MET B 5 28.99 -27.57 -30.55
CA MET B 5 29.96 -26.99 -29.64
C MET B 5 29.38 -27.01 -28.24
N LYS B 6 30.23 -26.96 -27.23
CA LYS B 6 29.74 -26.76 -25.86
C LYS B 6 29.63 -25.25 -25.59
N THR B 7 28.67 -24.88 -24.75
CA THR B 7 28.58 -23.52 -24.19
C THR B 7 28.70 -23.64 -22.68
N ARG B 8 29.65 -22.90 -22.11
CA ARG B 8 29.86 -22.84 -20.67
C ARG B 8 29.18 -21.59 -20.10
N ILE B 9 28.20 -21.80 -19.23
CA ILE B 9 27.33 -20.71 -18.78
C ILE B 9 27.46 -20.50 -17.27
N ALA B 10 27.65 -19.26 -16.86
CA ALA B 10 27.62 -18.89 -15.45
C ALA B 10 26.24 -18.35 -15.09
N LEU B 11 25.64 -18.93 -14.06
CA LEU B 11 24.37 -18.47 -13.50
C LEU B 11 24.74 -17.58 -12.31
N ALA B 12 24.45 -16.29 -12.42
CA ALA B 12 24.83 -15.31 -11.40
C ALA B 12 23.60 -15.02 -10.53
N GLN B 13 23.55 -15.74 -9.43
CA GLN B 13 22.46 -15.61 -8.45
C GLN B 13 22.89 -14.50 -7.47
N LEU B 14 22.61 -13.25 -7.87
CA LEU B 14 23.13 -12.04 -7.22
C LEU B 14 22.16 -11.51 -6.17
N ASN B 15 22.72 -10.94 -5.12
CA ASN B 15 21.96 -10.21 -4.15
C ASN B 15 22.23 -8.73 -4.35
N VAL B 16 21.48 -8.13 -5.24
CA VAL B 16 21.58 -6.70 -5.52
C VAL B 16 20.69 -5.89 -4.58
N THR B 17 20.91 -4.55 -4.54
CA THR B 17 20.17 -3.66 -3.64
C THR B 17 19.45 -2.59 -4.46
N VAL B 18 18.15 -2.43 -4.21
CA VAL B 18 17.37 -1.39 -4.83
C VAL B 18 18.08 -0.03 -4.78
N GLY B 19 18.26 0.57 -5.96
CA GLY B 19 18.84 1.90 -6.07
C GLY B 19 20.36 1.99 -5.98
N ASP B 20 21.04 0.89 -5.64
CA ASP B 20 22.51 0.91 -5.41
C ASP B 20 23.21 0.67 -6.75
N PHE B 21 23.10 1.61 -7.67
CA PHE B 21 23.72 1.38 -8.98
C PHE B 21 25.22 1.06 -8.85
N ALA B 22 25.94 1.79 -8.02
CA ALA B 22 27.38 1.57 -7.94
C ALA B 22 27.71 0.16 -7.39
N GLY B 23 27.04 -0.22 -6.32
CA GLY B 23 27.25 -1.53 -5.73
C GLY B 23 26.79 -2.69 -6.60
N ASN B 24 25.70 -2.49 -7.34
CA ASN B 24 25.16 -3.52 -8.20
C ASN B 24 26.10 -3.75 -9.40
N VAL B 25 26.58 -2.65 -9.99
CA VAL B 25 27.61 -2.79 -11.04
C VAL B 25 28.79 -3.60 -10.50
N ALA B 26 29.25 -3.31 -9.29
CA ALA B 26 30.40 -3.98 -8.73
C ALA B 26 30.13 -5.49 -8.53
N LYS B 27 28.91 -5.82 -8.07
CA LYS B 27 28.52 -7.23 -7.91
C LYS B 27 28.44 -7.97 -9.24
N ILE B 28 27.92 -7.31 -10.27
CA ILE B 28 27.84 -7.96 -11.59
C ILE B 28 29.26 -8.16 -12.16
N VAL B 29 30.11 -7.17 -12.01
CA VAL B 29 31.50 -7.27 -12.50
C VAL B 29 32.23 -8.39 -11.74
N ALA B 30 31.99 -8.53 -10.44
CA ALA B 30 32.60 -9.59 -9.65
C ALA B 30 32.17 -10.98 -10.12
N ALA B 31 30.89 -11.12 -10.45
CA ALA B 31 30.34 -12.33 -11.01
C ALA B 31 30.97 -12.65 -12.37
N ALA B 32 31.19 -11.60 -13.15
CA ALA B 32 31.81 -11.73 -14.47
C ALA B 32 33.28 -12.14 -14.34
N GLN B 33 33.99 -11.55 -13.38
CA GLN B 33 35.36 -11.97 -13.06
C GLN B 33 35.39 -13.46 -12.73
N ALA B 34 34.50 -13.91 -11.86
CA ALA B 34 34.41 -15.32 -11.53
C ALA B 34 34.08 -16.20 -12.73
N ALA B 35 33.20 -15.71 -13.62
CA ALA B 35 32.82 -16.47 -14.83
C ALA B 35 34.02 -16.56 -15.77
N HIS B 36 34.74 -15.47 -15.90
CA HIS B 36 35.99 -15.43 -16.71
C HIS B 36 37.02 -16.39 -16.18
N ASP B 37 37.21 -16.37 -14.85
CA ASP B 37 38.14 -17.29 -14.19
C ASP B 37 37.77 -18.75 -14.40
N ALA B 38 36.48 -19.04 -14.58
CA ALA B 38 35.96 -20.39 -14.86
C ALA B 38 35.90 -20.73 -16.35
N GLY B 39 36.23 -19.78 -17.21
CA GLY B 39 36.21 -20.00 -18.68
C GLY B 39 34.86 -19.97 -19.35
N ALA B 40 33.86 -19.35 -18.70
CA ALA B 40 32.53 -19.24 -19.26
C ALA B 40 32.44 -18.35 -20.52
N HIS B 41 31.55 -18.72 -21.45
CA HIS B 41 31.23 -17.92 -22.64
C HIS B 41 30.11 -16.94 -22.37
N PHE B 42 29.31 -17.21 -21.34
CA PHE B 42 27.99 -16.54 -21.18
C PHE B 42 27.67 -16.48 -19.69
N LEU B 43 27.24 -15.31 -19.21
CA LEU B 43 26.78 -15.13 -17.83
C LEU B 43 25.39 -14.54 -17.86
N ILE B 44 24.50 -15.05 -16.99
CA ILE B 44 23.15 -14.58 -16.93
C ILE B 44 22.88 -14.04 -15.51
N ALA B 45 22.42 -12.80 -15.44
CA ALA B 45 22.06 -12.14 -14.18
C ALA B 45 20.51 -12.06 -14.06
N PRO B 46 20.00 -11.71 -12.87
CA PRO B 46 18.53 -11.72 -12.68
C PRO B 46 17.79 -10.53 -13.29
N GLU B 47 16.46 -10.59 -13.14
CA GLU B 47 15.57 -9.53 -13.52
C GLU B 47 15.92 -8.22 -12.82
N LEU B 48 16.00 -7.11 -13.58
CA LEU B 48 16.29 -5.78 -13.05
C LEU B 48 17.54 -5.80 -12.14
N ALA B 49 18.51 -6.68 -12.46
CA ALA B 49 19.75 -6.78 -11.64
C ALA B 49 20.43 -5.45 -11.45
N LEU B 50 20.47 -4.67 -12.50
CA LEU B 50 21.23 -3.41 -12.46
C LEU B 50 20.70 -2.41 -11.39
N SER B 51 19.39 -2.33 -11.28
CA SER B 51 18.74 -1.36 -10.42
C SER B 51 18.37 -1.94 -9.04
N GLY B 52 18.42 -3.25 -8.90
CA GLY B 52 17.74 -3.96 -7.82
C GLY B 52 16.25 -4.03 -8.09
N TYR B 53 15.57 -4.86 -7.31
CA TYR B 53 14.16 -5.16 -7.58
C TYR B 53 13.39 -5.51 -6.31
N PRO B 54 12.12 -5.05 -6.20
CA PRO B 54 11.40 -4.09 -7.07
C PRO B 54 11.63 -2.62 -6.62
N PRO B 55 11.92 -1.71 -7.58
CA PRO B 55 12.14 -0.31 -7.16
C PRO B 55 10.86 0.51 -6.92
N GLU B 56 9.70 -0.06 -7.25
CA GLU B 56 8.41 0.59 -7.04
C GLU B 56 8.40 1.98 -7.69
N ASP B 57 7.93 3.03 -7.00
CA ASP B 57 7.69 4.33 -7.68
C ASP B 57 8.98 5.07 -8.05
N LEU B 58 10.14 4.55 -7.71
CA LEU B 58 11.38 5.02 -8.38
C LEU B 58 11.23 4.90 -9.92
N LEU B 59 10.45 3.93 -10.36
CA LEU B 59 10.19 3.70 -11.79
C LEU B 59 9.25 4.75 -12.44
N LEU B 60 8.77 5.73 -11.66
CA LEU B 60 8.04 6.88 -12.20
C LEU B 60 8.92 8.13 -12.27
N ARG B 61 10.17 8.03 -11.80
CA ARG B 61 11.08 9.17 -11.68
C ARG B 61 12.08 9.20 -12.85
N PRO B 62 11.98 10.21 -13.73
CA PRO B 62 12.90 10.25 -14.86
C PRO B 62 14.39 10.09 -14.48
N ALA B 63 14.80 10.66 -13.35
CA ALA B 63 16.20 10.63 -12.93
C ALA B 63 16.67 9.20 -12.60
N PHE B 64 15.72 8.32 -12.26
CA PHE B 64 16.04 6.93 -12.00
C PHE B 64 16.48 6.21 -13.28
N TYR B 65 15.77 6.46 -14.39
CA TYR B 65 16.13 5.86 -15.67
C TYR B 65 17.43 6.44 -16.22
N ALA B 66 17.64 7.73 -15.99
CA ALA B 66 18.92 8.39 -16.38
C ALA B 66 20.09 7.74 -15.64
N ALA B 67 19.89 7.47 -14.34
CA ALA B 67 20.90 6.80 -13.52
C ALA B 67 21.15 5.38 -13.99
N SER B 68 20.08 4.64 -14.35
CA SER B 68 20.20 3.29 -14.86
C SER B 68 20.99 3.26 -16.16
N ASP B 69 20.66 4.19 -17.06
CA ASP B 69 21.39 4.27 -18.37
C ASP B 69 22.89 4.54 -18.16
N ALA B 70 23.22 5.47 -17.28
CA ALA B 70 24.62 5.74 -16.95
C ALA B 70 25.29 4.51 -16.33
N ALA B 71 24.60 3.80 -15.43
CA ALA B 71 25.16 2.56 -14.81
C ALA B 71 25.37 1.44 -15.85
N LEU B 72 24.46 1.33 -16.83
CA LEU B 72 24.58 0.29 -17.85
C LEU B 72 25.83 0.55 -18.68
N ALA B 73 26.08 1.83 -18.97
CA ALA B 73 27.27 2.21 -19.78
C ALA B 73 28.55 1.94 -18.98
N GLU B 74 28.53 2.23 -17.67
CA GLU B 74 29.67 1.92 -16.78
C GLU B 74 29.92 0.43 -16.72
N LEU B 75 28.85 -0.33 -16.59
CA LEU B 75 28.95 -1.77 -16.55
C LEU B 75 29.58 -2.33 -17.82
N ALA B 76 29.05 -1.93 -18.98
CA ALA B 76 29.56 -2.43 -20.27
C ALA B 76 31.08 -2.14 -20.41
N ALA B 77 31.49 -0.93 -20.01
CA ALA B 77 32.93 -0.58 -20.02
C ALA B 77 33.74 -1.50 -19.13
N GLN B 78 33.21 -1.83 -17.97
CA GLN B 78 33.93 -2.68 -17.04
C GLN B 78 33.94 -4.14 -17.40
N LEU B 79 33.01 -4.57 -18.27
CA LEU B 79 32.94 -5.97 -18.74
C LEU B 79 33.83 -6.20 -19.97
N LYS B 80 34.16 -5.11 -20.66
CA LYS B 80 34.91 -5.19 -21.90
C LYS B 80 36.18 -6.04 -21.81
N PRO B 81 36.93 -5.95 -20.70
CA PRO B 81 38.14 -6.79 -20.59
C PRO B 81 37.95 -8.29 -20.52
N PHE B 82 36.75 -8.79 -20.25
CA PHE B 82 36.52 -10.21 -20.23
C PHE B 82 36.23 -10.71 -21.66
N ALA B 83 37.30 -10.90 -22.46
CA ALA B 83 37.16 -11.36 -23.83
C ALA B 83 36.38 -12.67 -23.94
N GLY B 84 35.38 -12.68 -24.83
CA GLY B 84 34.62 -13.90 -25.10
C GLY B 84 33.49 -14.19 -24.13
N LEU B 85 33.29 -13.31 -23.15
CA LEU B 85 32.21 -13.45 -22.16
C LEU B 85 31.08 -12.47 -22.49
N ALA B 86 29.93 -13.02 -22.87
CA ALA B 86 28.71 -12.23 -23.05
C ALA B 86 27.93 -12.22 -21.75
N VAL B 87 27.27 -11.12 -21.45
CA VAL B 87 26.53 -10.99 -20.19
C VAL B 87 25.11 -10.52 -20.48
N LEU B 88 24.13 -11.28 -19.97
CA LEU B 88 22.73 -10.84 -20.08
C LEU B 88 22.33 -10.24 -18.73
N VAL B 89 21.93 -8.97 -18.77
CA VAL B 89 21.62 -8.25 -17.54
C VAL B 89 20.27 -7.53 -17.60
N GLY B 90 19.48 -7.68 -16.53
CA GLY B 90 18.18 -6.97 -16.40
C GLY B 90 18.38 -5.51 -15.98
N HIS B 91 17.52 -4.63 -16.51
CA HIS B 91 17.54 -3.20 -16.15
C HIS B 91 16.24 -2.52 -16.58
N PRO B 92 15.87 -1.45 -15.90
CA PRO B 92 14.76 -0.66 -16.39
C PRO B 92 15.19 0.18 -17.58
N LEU B 93 14.32 0.34 -18.55
CA LEU B 93 14.69 1.03 -19.77
C LEU B 93 13.62 2.01 -20.19
N ARG B 94 14.03 3.22 -20.55
CA ARG B 94 13.11 4.16 -21.13
C ARG B 94 13.57 4.47 -22.55
N ALA B 95 12.65 4.38 -23.51
CA ALA B 95 13.02 4.62 -24.92
C ALA B 95 13.56 6.07 -25.08
N PRO B 96 14.53 6.28 -25.99
CA PRO B 96 15.16 7.62 -26.21
C PRO B 96 14.19 8.76 -26.43
N ALA B 102 16.42 13.22 -21.85
CA ALA B 102 16.12 11.97 -21.12
C ALA B 102 15.19 12.23 -19.94
N ASN B 103 15.44 13.33 -19.22
CA ASN B 103 14.71 13.65 -17.97
C ASN B 103 13.36 14.33 -18.18
N ARG B 104 12.86 14.30 -19.41
CA ARG B 104 11.51 14.75 -19.72
C ARG B 104 10.53 14.03 -18.80
N ALA B 105 9.47 14.74 -18.40
CA ALA B 105 8.49 14.25 -17.46
C ALA B 105 7.91 12.89 -17.88
N ILE B 106 7.71 12.03 -16.88
CA ILE B 106 6.90 10.82 -17.03
C ILE B 106 5.52 11.26 -16.56
N GLU B 107 4.55 11.30 -17.48
CA GLU B 107 3.21 11.80 -17.20
C GLU B 107 2.54 10.95 -16.12
N GLY B 109 -0.54 9.60 -14.10
CA GLY B 109 -1.51 10.40 -14.83
C GLY B 109 -2.12 9.62 -16.00
N VAL B 110 -1.26 9.04 -16.83
CA VAL B 110 -1.71 8.27 -18.01
C VAL B 110 -0.94 6.93 -18.00
N PRO B 111 -1.38 5.94 -18.78
CA PRO B 111 -0.61 4.67 -18.70
C PRO B 111 0.85 4.80 -19.17
N PRO B 112 1.73 3.89 -18.72
CA PRO B 112 3.09 3.83 -19.22
C PRO B 112 3.09 3.72 -20.75
N VAL B 113 4.03 4.41 -21.37
CA VAL B 113 4.11 4.40 -22.81
C VAL B 113 5.47 3.98 -23.31
N ASP B 114 6.54 4.40 -22.65
CA ASP B 114 7.86 4.13 -23.19
C ASP B 114 8.90 3.68 -22.16
N THR B 115 8.43 3.08 -21.08
CA THR B 115 9.29 2.46 -20.07
C THR B 115 9.10 0.95 -20.07
N TYR B 116 10.21 0.21 -19.93
CA TYR B 116 10.16 -1.24 -20.06
C TYR B 116 11.00 -1.95 -19.01
N ASN B 117 10.59 -3.16 -18.72
CA ASN B 117 11.36 -4.10 -17.93
C ASN B 117 12.19 -4.88 -18.96
N ALA B 118 13.51 -4.61 -18.98
CA ALA B 118 14.40 -5.09 -20.05
C ALA B 118 15.53 -6.02 -19.60
N ALA B 119 16.07 -6.77 -20.53
CA ALA B 119 17.30 -7.50 -20.33
C ALA B 119 18.14 -7.29 -21.60
N SER B 120 19.38 -6.84 -21.41
CA SER B 120 20.28 -6.55 -22.54
C SER B 120 21.46 -7.49 -22.52
N LEU B 121 21.93 -7.88 -23.70
CA LEU B 121 23.10 -8.71 -23.84
C LEU B 121 24.27 -7.81 -24.16
N ILE B 122 25.31 -7.89 -23.34
CA ILE B 122 26.52 -7.06 -23.52
C ILE B 122 27.66 -7.94 -24.07
N VAL B 123 28.20 -7.55 -25.23
CA VAL B 123 29.21 -8.35 -25.96
C VAL B 123 30.29 -7.37 -26.34
N GLY B 124 31.53 -7.65 -25.95
CA GLY B 124 32.63 -6.80 -26.32
C GLY B 124 32.51 -5.35 -25.84
N GLY B 125 31.89 -5.18 -24.68
CA GLY B 125 31.63 -3.87 -24.12
C GLY B 125 30.57 -3.01 -24.75
N GLU B 126 29.71 -3.61 -25.57
CA GLU B 126 28.60 -2.90 -26.25
C GLU B 126 27.32 -3.66 -26.05
N VAL B 127 26.18 -2.97 -26.04
CA VAL B 127 24.90 -3.68 -26.01
C VAL B 127 24.63 -4.24 -27.40
N ALA B 128 24.50 -5.55 -27.49
CA ALA B 128 24.26 -6.24 -28.76
C ALA B 128 22.77 -6.36 -29.07
N GLY B 129 21.93 -6.34 -28.04
CA GLY B 129 20.49 -6.49 -28.20
C GLY B 129 19.76 -6.42 -26.88
N THR B 130 18.45 -6.23 -26.96
CA THR B 130 17.63 -6.00 -25.78
C THR B 130 16.29 -6.68 -25.97
N TYR B 131 15.84 -7.35 -24.91
CA TYR B 131 14.49 -7.90 -24.80
C TYR B 131 13.67 -7.02 -23.83
N ARG B 132 12.39 -6.81 -24.16
CA ARG B 132 11.46 -6.11 -23.26
C ARG B 132 10.34 -7.06 -22.86
N LYS B 133 10.04 -7.07 -21.56
CA LYS B 133 9.03 -7.96 -20.99
C LYS B 133 7.66 -7.76 -21.62
N GLN B 134 6.93 -8.87 -21.79
CA GLN B 134 5.63 -8.86 -22.44
C GLN B 134 4.50 -8.87 -21.41
N ASP B 135 4.57 -9.83 -20.49
CA ASP B 135 3.47 -10.10 -19.53
C ASP B 135 3.82 -9.50 -18.17
N LEU B 136 3.24 -8.34 -17.89
CA LEU B 136 3.57 -7.55 -16.71
C LEU B 136 2.68 -7.96 -15.52
N PRO B 137 3.29 -8.47 -14.44
CA PRO B 137 2.48 -8.91 -13.29
C PRO B 137 1.84 -7.74 -12.61
N ASN B 138 0.54 -7.83 -12.36
CA ASN B 138 -0.19 -6.75 -11.70
C ASN B 138 -1.24 -7.35 -10.80
N THR B 139 -0.79 -8.33 -10.02
CA THR B 139 -1.59 -8.99 -9.00
C THR B 139 -0.60 -9.30 -7.84
N GLU B 140 -1.16 -9.72 -6.71
CA GLU B 140 -0.33 -10.06 -5.55
C GLU B 140 0.60 -8.92 -5.15
N VAL B 141 1.90 -9.15 -5.10
CA VAL B 141 2.84 -8.13 -4.64
C VAL B 141 3.36 -7.19 -5.74
N PHE B 142 2.94 -7.42 -6.98
CA PHE B 142 3.50 -6.64 -8.10
C PHE B 142 2.46 -5.73 -8.74
N ASP B 143 2.97 -4.64 -9.30
CA ASP B 143 2.13 -3.59 -9.93
C ASP B 143 2.80 -3.11 -11.22
N GLU B 144 3.29 -4.04 -12.03
CA GLU B 144 4.08 -3.63 -13.18
C GLU B 144 3.34 -2.86 -14.26
N LYS B 145 2.01 -2.93 -14.27
CA LYS B 145 1.24 -2.11 -15.22
C LYS B 145 1.15 -0.63 -14.79
N ARG B 146 1.54 -0.35 -13.55
CA ARG B 146 1.74 1.03 -13.09
C ARG B 146 3.02 1.63 -13.67
N TYR B 147 4.00 0.77 -14.00
CA TYR B 147 5.37 1.22 -14.32
C TYR B 147 5.80 1.03 -15.75
N PHE B 148 5.35 -0.07 -16.39
CA PHE B 148 5.99 -0.48 -17.64
C PHE B 148 4.93 -0.66 -18.71
N ALA B 149 5.35 -0.45 -19.95
CA ALA B 149 4.57 -0.80 -21.11
C ALA B 149 4.95 -2.21 -21.57
N THR B 150 4.02 -2.87 -22.29
CA THR B 150 4.27 -4.23 -22.85
C THR B 150 4.96 -4.12 -24.20
N ASP B 151 5.76 -5.11 -24.51
CA ASP B 151 6.33 -5.25 -25.84
C ASP B 151 6.20 -6.72 -26.28
N ALA B 152 5.80 -6.96 -27.52
CA ALA B 152 5.57 -8.35 -27.98
C ALA B 152 6.78 -8.94 -28.78
N ALA B 153 7.82 -8.15 -28.99
CA ALA B 153 8.94 -8.57 -29.89
C ALA B 153 9.85 -9.59 -29.19
N PRO B 154 10.21 -10.67 -29.89
CA PRO B 154 11.10 -11.66 -29.27
C PRO B 154 12.55 -11.18 -29.38
N TYR B 155 13.44 -11.80 -28.61
CA TYR B 155 14.85 -11.56 -28.75
C TYR B 155 15.56 -12.89 -28.79
N VAL B 156 16.15 -13.21 -29.94
CA VAL B 156 16.92 -14.44 -30.13
C VAL B 156 18.29 -14.07 -30.66
N PHE B 157 19.34 -14.64 -30.06
CA PHE B 157 20.71 -14.38 -30.48
C PHE B 157 21.45 -15.72 -30.58
N GLU B 158 22.53 -15.73 -31.34
CA GLU B 158 23.35 -16.92 -31.52
C GLU B 158 24.60 -16.84 -30.71
N LEU B 159 24.92 -17.90 -30.00
CA LEU B 159 26.13 -17.96 -29.20
C LEU B 159 26.62 -19.42 -29.29
N ASN B 160 27.89 -19.61 -29.69
CA ASN B 160 28.45 -20.95 -29.89
C ASN B 160 27.60 -21.89 -30.76
N GLY B 161 27.02 -21.35 -31.83
CA GLY B 161 26.23 -22.12 -32.78
C GLY B 161 24.80 -22.45 -32.34
N VAL B 162 24.40 -21.95 -31.17
CA VAL B 162 23.10 -22.23 -30.58
C VAL B 162 22.27 -20.93 -30.53
N LYS B 163 20.98 -21.02 -30.87
CA LYS B 163 20.07 -19.88 -30.81
C LYS B 163 19.43 -19.84 -29.42
N PHE B 164 19.70 -18.76 -28.69
CA PHE B 164 19.11 -18.55 -27.34
C PHE B 164 18.04 -17.50 -27.39
N GLY B 165 16.86 -17.80 -26.83
CA GLY B 165 15.77 -16.86 -26.75
C GLY B 165 15.64 -16.35 -25.31
N VAL B 166 15.32 -15.08 -25.16
CA VAL B 166 15.15 -14.47 -23.82
C VAL B 166 13.71 -14.14 -23.55
N VAL B 167 13.23 -14.55 -22.36
CA VAL B 167 11.92 -14.10 -21.85
C VAL B 167 12.17 -13.78 -20.37
N ILE B 168 11.34 -12.95 -19.77
CA ILE B 168 11.59 -12.51 -18.40
C ILE B 168 10.45 -12.91 -17.47
N CYS B 169 10.84 -13.61 -16.39
CA CYS B 169 9.96 -14.02 -15.28
C CYS B 169 8.53 -14.40 -15.71
N GLU B 170 7.54 -13.55 -15.42
CA GLU B 170 6.12 -13.94 -15.64
C GLU B 170 5.72 -14.10 -17.08
N ASP B 171 6.61 -13.76 -18.02
CA ASP B 171 6.45 -14.16 -19.40
C ASP B 171 6.23 -15.68 -19.54
N VAL B 172 6.75 -16.49 -18.60
CA VAL B 172 6.56 -17.95 -18.64
C VAL B 172 5.18 -18.45 -18.19
N TRP B 173 4.36 -17.56 -17.64
CA TRP B 173 3.04 -17.95 -17.11
C TRP B 173 2.05 -18.33 -18.18
N HIS B 174 2.26 -17.87 -19.42
CA HIS B 174 1.38 -18.19 -20.54
C HIS B 174 2.21 -18.71 -21.68
N ALA B 175 1.56 -19.34 -22.65
CA ALA B 175 2.26 -19.93 -23.81
C ALA B 175 2.98 -18.93 -24.72
N SER B 176 2.45 -17.71 -24.77
CA SER B 176 2.75 -16.74 -25.82
C SER B 176 4.22 -16.35 -26.00
N ALA B 177 4.88 -15.90 -24.94
CA ALA B 177 6.27 -15.40 -25.13
C ALA B 177 7.21 -16.49 -25.60
N ALA B 178 7.15 -17.67 -24.98
CA ALA B 178 7.97 -18.81 -25.39
C ALA B 178 7.67 -19.23 -26.84
N GLN B 179 6.40 -19.26 -27.22
CA GLN B 179 6.09 -19.60 -28.62
C GLN B 179 6.63 -18.56 -29.62
N LEU B 180 6.61 -17.27 -29.27
CA LEU B 180 7.17 -16.24 -30.16
C LEU B 180 8.69 -16.40 -30.27
N ALA B 181 9.33 -16.75 -29.17
CA ALA B 181 10.79 -16.96 -29.17
C ALA B 181 11.13 -18.18 -30.03
N LYS B 182 10.38 -19.26 -29.89
CA LYS B 182 10.61 -20.45 -30.70
C LYS B 182 10.41 -20.14 -32.18
N ALA B 183 9.36 -19.39 -32.50
CA ALA B 183 9.05 -19.05 -33.91
C ALA B 183 10.17 -18.19 -34.53
N ALA B 184 10.86 -17.43 -33.68
CA ALA B 184 11.99 -16.60 -34.11
C ALA B 184 13.31 -17.39 -34.18
N GLY B 185 13.26 -18.68 -33.84
CA GLY B 185 14.39 -19.57 -33.99
C GLY B 185 15.06 -20.06 -32.74
N ALA B 186 14.53 -19.72 -31.56
CA ALA B 186 15.15 -20.15 -30.30
C ALA B 186 15.19 -21.65 -30.19
N GLN B 187 16.31 -22.15 -29.69
CA GLN B 187 16.54 -23.55 -29.40
C GLN B 187 16.67 -23.83 -27.88
N VAL B 188 16.98 -22.77 -27.10
CA VAL B 188 17.11 -22.80 -25.64
C VAL B 188 16.50 -21.47 -25.15
N LEU B 189 15.71 -21.52 -24.08
CA LEU B 189 15.16 -20.30 -23.51
C LEU B 189 15.90 -19.91 -22.25
N ILE B 190 16.23 -18.63 -22.16
CA ILE B 190 16.94 -18.06 -21.00
C ILE B 190 15.96 -17.14 -20.26
N VAL B 191 15.80 -17.35 -18.95
CA VAL B 191 14.78 -16.64 -18.15
C VAL B 191 15.39 -15.96 -16.89
N PRO B 192 15.68 -14.64 -16.98
CA PRO B 192 15.98 -13.87 -15.77
C PRO B 192 14.71 -13.67 -14.95
N ASN B 193 14.85 -13.73 -13.64
CA ASN B 193 13.70 -13.69 -12.72
C ASN B 193 13.98 -12.85 -11.53
N GLY B 194 12.92 -12.25 -11.01
CA GLY B 194 12.87 -11.68 -9.71
C GLY B 194 11.61 -12.29 -9.08
N SER B 195 11.73 -13.53 -8.65
CA SER B 195 10.62 -14.34 -8.15
C SER B 195 10.69 -14.47 -6.65
N PRO B 196 9.77 -13.80 -5.95
CA PRO B 196 9.88 -13.84 -4.48
C PRO B 196 9.50 -15.19 -3.91
N TYR B 197 10.09 -15.53 -2.76
CA TYR B 197 9.75 -16.74 -2.06
C TYR B 197 8.32 -16.74 -1.50
N HIS B 198 7.68 -17.91 -1.60
CA HIS B 198 6.62 -18.31 -0.67
C HIS B 198 6.61 -19.81 -0.55
N MET B 199 5.90 -20.34 0.47
CA MET B 199 5.92 -21.76 0.68
C MET B 199 5.40 -22.48 -0.57
N ASN B 200 6.15 -23.47 -1.03
CA ASN B 200 5.80 -24.25 -2.25
C ASN B 200 6.06 -23.54 -3.57
N LYS B 201 6.66 -22.33 -3.53
CA LYS B 201 6.95 -21.61 -4.77
C LYS B 201 7.95 -22.40 -5.64
N ASP B 202 8.89 -23.11 -5.01
CA ASP B 202 9.87 -23.93 -5.76
C ASP B 202 9.17 -24.97 -6.66
N ALA B 203 8.12 -25.57 -6.14
CA ALA B 203 7.30 -26.50 -6.93
C ALA B 203 6.52 -25.79 -8.05
N VAL B 204 5.97 -24.62 -7.75
CA VAL B 204 5.21 -23.84 -8.70
C VAL B 204 6.09 -23.52 -9.92
N ARG B 205 7.33 -23.07 -9.66
CA ARG B 205 8.22 -22.71 -10.75
C ARG B 205 8.45 -23.89 -11.70
N ILE B 206 8.79 -25.05 -11.15
CA ILE B 206 9.17 -26.16 -12.00
C ILE B 206 7.94 -26.66 -12.79
N ASP B 207 6.76 -26.63 -12.16
CA ASP B 207 5.47 -26.98 -12.85
C ASP B 207 5.11 -26.09 -14.02
N ILE B 208 5.26 -24.79 -13.85
CA ILE B 208 4.96 -23.82 -14.91
C ILE B 208 5.96 -23.96 -16.05
N LEU B 209 7.25 -24.05 -15.75
CA LEU B 209 8.22 -24.22 -16.82
C LEU B 209 7.99 -25.55 -17.56
N ARG B 210 7.60 -26.60 -16.84
CA ARG B 210 7.31 -27.89 -17.53
C ARG B 210 6.15 -27.75 -18.50
N ALA B 211 5.17 -26.92 -18.18
CA ALA B 211 4.04 -26.68 -19.10
C ALA B 211 4.53 -26.04 -20.40
N ARG B 212 5.40 -25.05 -20.26
CA ARG B 212 6.02 -24.44 -21.43
C ARG B 212 6.87 -25.40 -22.24
N ILE B 213 7.59 -26.29 -21.57
CA ILE B 213 8.46 -27.24 -22.26
C ILE B 213 7.63 -28.30 -23.00
N ARG B 214 6.49 -28.66 -22.44
CA ARG B 214 5.57 -29.55 -23.16
C ARG B 214 5.14 -28.95 -24.48
N GLU B 215 4.94 -27.64 -24.51
CA GLU B 215 4.51 -26.90 -25.69
C GLU B 215 5.63 -26.68 -26.73
N THR B 216 6.85 -26.39 -26.26
CA THR B 216 7.94 -25.96 -27.14
C THR B 216 9.03 -26.98 -27.38
N GLY B 217 9.24 -27.87 -26.42
CA GLY B 217 10.36 -28.82 -26.47
C GLY B 217 11.74 -28.20 -26.22
N LEU B 218 11.78 -26.96 -25.77
CA LEU B 218 13.06 -26.25 -25.57
C LEU B 218 13.49 -26.30 -24.09
N PRO B 219 14.78 -26.67 -23.82
CA PRO B 219 15.32 -26.55 -22.45
C PRO B 219 15.24 -25.10 -21.97
N MET B 220 15.21 -24.91 -20.65
CA MET B 220 15.05 -23.59 -20.04
C MET B 220 16.05 -23.41 -18.90
N VAL B 221 16.66 -22.22 -18.88
CA VAL B 221 17.60 -21.79 -17.83
C VAL B 221 16.93 -20.67 -17.02
N TYR B 222 16.70 -20.93 -15.73
CA TYR B 222 15.94 -20.05 -14.85
C TYR B 222 16.91 -19.48 -13.81
N VAL B 223 17.20 -18.19 -13.91
CA VAL B 223 18.12 -17.53 -12.96
C VAL B 223 17.33 -16.56 -12.11
N ASN B 224 17.44 -16.70 -10.80
CA ASN B 224 16.65 -15.89 -9.86
C ASN B 224 17.54 -15.03 -8.94
N LEU B 225 17.06 -13.83 -8.65
CA LEU B 225 17.52 -13.00 -7.58
C LEU B 225 17.51 -13.74 -6.23
N VAL B 226 18.39 -13.31 -5.35
CA VAL B 226 18.37 -13.70 -3.97
C VAL B 226 18.50 -12.44 -3.13
N GLY B 227 17.95 -12.48 -1.92
CA GLY B 227 18.04 -11.36 -0.96
C GLY B 227 16.72 -10.77 -0.49
N GLY B 228 16.78 -10.05 0.61
CA GLY B 228 15.64 -9.33 1.17
C GLY B 228 15.46 -7.97 0.56
N GLN B 229 14.19 -7.60 0.35
CA GLN B 229 13.81 -6.26 -0.13
C GLN B 229 12.44 -5.93 0.48
N ASP B 230 12.53 -5.24 1.61
CA ASP B 230 11.38 -4.82 2.39
C ASP B 230 10.59 -6.05 2.79
N GLU B 231 9.33 -6.20 2.35
CA GLU B 231 8.58 -7.41 2.74
C GLU B 231 9.00 -8.69 2.00
N LEU B 232 9.69 -8.57 0.86
CA LEU B 232 9.98 -9.72 0.02
C LEU B 232 11.31 -10.36 0.37
N VAL B 233 11.37 -11.68 0.21
CA VAL B 233 12.64 -12.39 0.23
C VAL B 233 12.73 -13.16 -1.03
N PHE B 234 13.74 -12.86 -1.83
CA PHE B 234 14.03 -13.63 -3.05
C PHE B 234 14.92 -14.79 -2.62
N ASP B 235 14.57 -16.00 -3.06
CA ASP B 235 15.22 -17.19 -2.55
C ASP B 235 16.26 -17.81 -3.45
N GLY B 236 16.54 -17.19 -4.58
CA GLY B 236 17.47 -17.81 -5.55
C GLY B 236 16.86 -19.13 -6.05
N GLY B 237 17.56 -20.25 -5.88
CA GLY B 237 17.06 -21.51 -6.38
C GLY B 237 17.06 -21.57 -7.89
N SER B 238 18.05 -20.93 -8.53
CA SER B 238 18.16 -20.97 -9.98
C SER B 238 18.31 -22.44 -10.45
N PHE B 239 17.79 -22.73 -11.64
CA PHE B 239 17.80 -24.11 -12.13
C PHE B 239 17.75 -24.23 -13.64
N VAL B 240 18.00 -25.45 -14.12
CA VAL B 240 17.96 -25.75 -15.52
C VAL B 240 17.13 -26.99 -15.75
N LEU B 241 16.22 -26.93 -16.70
CA LEU B 241 15.44 -28.09 -17.17
C LEU B 241 15.85 -28.41 -18.59
N ASP B 242 15.96 -29.70 -18.90
CA ASP B 242 16.24 -30.10 -20.28
C ASP B 242 14.96 -30.08 -21.14
N GLY B 243 15.05 -30.46 -22.41
CA GLY B 243 13.91 -30.33 -23.33
C GLY B 243 12.80 -31.35 -23.11
N ALA B 244 13.01 -32.26 -22.17
CA ALA B 244 11.97 -33.17 -21.68
C ALA B 244 11.44 -32.78 -20.31
N GLY B 245 11.94 -31.69 -19.72
CA GLY B 245 11.45 -31.22 -18.44
C GLY B 245 12.16 -31.82 -17.23
N GLU B 246 13.23 -32.58 -17.44
CA GLU B 246 13.98 -33.14 -16.32
C GLU B 246 14.89 -32.06 -15.73
N LEU B 247 15.00 -32.06 -14.41
CA LEU B 247 15.91 -31.14 -13.71
C LEU B 247 17.34 -31.61 -13.87
N VAL B 248 18.22 -30.76 -14.43
CA VAL B 248 19.63 -31.16 -14.59
C VAL B 248 20.63 -30.34 -13.80
N ALA B 249 20.17 -29.21 -13.24
CA ALA B 249 21.02 -28.35 -12.39
C ALA B 249 20.12 -27.53 -11.47
N LYS B 250 20.54 -27.33 -10.24
CA LYS B 250 19.77 -26.56 -9.31
C LYS B 250 20.69 -25.96 -8.27
N MET B 251 20.71 -24.63 -8.19
CA MET B 251 21.51 -23.90 -7.19
C MET B 251 20.79 -23.86 -5.82
N PRO B 252 21.57 -23.66 -4.74
CA PRO B 252 20.96 -23.57 -3.42
C PRO B 252 19.99 -22.40 -3.28
N GLN B 253 19.03 -22.53 -2.37
CA GLN B 253 18.18 -21.43 -2.01
C GLN B 253 18.83 -20.59 -0.95
N PHE B 254 18.50 -19.31 -0.99
CA PHE B 254 18.87 -18.31 0.02
C PHE B 254 20.37 -18.02 0.11
N GLU B 255 21.15 -18.41 -0.88
CA GLU B 255 22.60 -18.14 -0.93
C GLU B 255 22.90 -17.38 -2.24
N GLU B 256 23.83 -16.45 -2.16
CA GLU B 256 24.33 -15.72 -3.27
C GLU B 256 25.53 -16.46 -3.82
N GLY B 257 25.65 -16.50 -5.12
CA GLY B 257 26.90 -16.96 -5.75
C GLY B 257 26.69 -17.31 -7.18
N ASN B 258 27.69 -17.97 -7.77
CA ASN B 258 27.67 -18.31 -9.17
C ASN B 258 27.76 -19.80 -9.31
N ALA B 259 27.08 -20.36 -10.29
CA ALA B 259 27.28 -21.78 -10.66
C ALA B 259 27.55 -21.87 -12.16
N ILE B 260 28.35 -22.85 -12.56
CA ILE B 260 28.59 -23.16 -13.96
C ILE B 260 27.74 -24.36 -14.44
N VAL B 261 27.00 -24.15 -15.52
CA VAL B 261 26.27 -25.20 -16.23
C VAL B 261 26.69 -25.21 -17.69
N GLU B 262 26.57 -26.36 -18.37
CA GLU B 262 27.04 -26.48 -19.74
C GLU B 262 25.98 -27.05 -20.63
N PHE B 263 26.07 -26.69 -21.90
CA PHE B 263 25.23 -27.21 -22.94
C PHE B 263 26.17 -27.81 -23.97
N ASP B 264 25.70 -28.86 -24.64
CA ASP B 264 26.39 -29.43 -25.83
C ASP B 264 25.40 -29.26 -26.96
N GLY B 265 25.67 -28.32 -27.86
CA GLY B 265 24.64 -27.82 -28.76
C GLY B 265 23.49 -27.33 -27.91
N ALA B 266 22.27 -27.78 -28.21
CA ALA B 266 21.08 -27.34 -27.46
C ALA B 266 20.67 -28.30 -26.34
N ARG B 267 21.54 -29.25 -26.02
CA ARG B 267 21.29 -30.25 -25.00
C ARG B 267 21.87 -29.76 -23.67
N ALA B 268 21.02 -29.63 -22.65
CA ALA B 268 21.45 -29.26 -21.29
C ALA B 268 22.19 -30.42 -20.68
N LEU B 269 23.38 -30.19 -20.19
CA LEU B 269 24.16 -31.25 -19.53
C LEU B 269 24.01 -31.25 -17.99
N PRO B 270 24.14 -32.42 -17.37
CA PRO B 270 23.99 -32.49 -15.90
C PRO B 270 25.01 -31.65 -15.14
N ALA B 271 24.57 -31.00 -14.07
CA ALA B 271 25.45 -30.28 -13.14
C ALA B 271 25.00 -30.54 -11.69
N ALA B 272 25.51 -29.76 -10.76
CA ALA B 272 25.14 -29.91 -9.36
C ALA B 272 23.64 -29.61 -9.14
N ILE B 273 22.96 -30.48 -8.39
CA ILE B 273 21.56 -30.26 -7.97
C ILE B 273 21.56 -30.17 -6.44
N ALA B 274 21.29 -28.99 -5.91
CA ALA B 274 21.23 -28.82 -4.47
C ALA B 274 20.07 -29.66 -3.90
N PRO B 275 20.30 -30.41 -2.82
CA PRO B 275 19.20 -31.14 -2.21
C PRO B 275 18.08 -30.22 -1.79
N ALA B 276 16.83 -30.66 -1.94
CA ALA B 276 15.67 -29.86 -1.50
C ALA B 276 15.68 -29.67 0.03
N LEU B 277 15.32 -28.46 0.44
CA LEU B 277 15.07 -28.14 1.82
C LEU B 277 13.60 -28.43 2.16
N SER B 278 13.36 -28.85 3.40
CA SER B 278 11.99 -28.97 3.92
C SER B 278 11.33 -27.61 3.95
N VAL B 279 10.00 -27.61 4.04
CA VAL B 279 9.28 -26.34 4.02
C VAL B 279 9.68 -25.53 5.25
N GLU B 280 9.82 -26.15 6.43
CA GLU B 280 10.26 -25.40 7.61
C GLU B 280 11.64 -24.78 7.45
N ALA B 281 12.58 -25.53 6.88
CA ALA B 281 13.94 -25.05 6.66
C ALA B 281 13.94 -23.86 5.71
N GLN B 282 13.10 -23.92 4.68
CA GLN B 282 12.95 -22.78 3.70
C GLN B 282 12.40 -21.52 4.40
N VAL B 283 11.33 -21.66 5.18
CA VAL B 283 10.72 -20.54 5.86
C VAL B 283 11.74 -19.94 6.84
N TYR B 284 12.43 -20.79 7.61
CA TYR B 284 13.39 -20.26 8.59
C TYR B 284 14.51 -19.48 7.88
N ARG B 285 15.04 -20.03 6.81
CA ARG B 285 16.09 -19.35 6.06
C ARG B 285 15.56 -18.02 5.47
N ALA B 286 14.30 -18.02 5.02
CA ALA B 286 13.71 -16.73 4.55
C ALA B 286 13.70 -15.65 5.63
N LEU B 287 13.32 -16.05 6.85
CA LEU B 287 13.28 -15.12 7.96
C LEU B 287 14.71 -14.59 8.29
N VAL B 288 15.67 -15.49 8.36
CA VAL B 288 17.06 -15.09 8.60
C VAL B 288 17.58 -14.16 7.53
N LEU B 289 17.36 -14.48 6.24
CA LEU B 289 17.86 -13.64 5.18
C LEU B 289 17.15 -12.26 5.17
N GLY B 290 15.83 -12.25 5.41
CA GLY B 290 15.08 -11.02 5.52
C GLY B 290 15.64 -10.09 6.60
N VAL B 291 15.92 -10.63 7.77
CA VAL B 291 16.46 -9.82 8.84
C VAL B 291 17.88 -9.37 8.51
N ARG B 292 18.70 -10.30 8.03
CA ARG B 292 20.08 -10.00 7.72
C ARG B 292 20.17 -8.82 6.73
N ASP B 293 19.35 -8.87 5.71
CA ASP B 293 19.36 -7.86 4.64
C ASP B 293 18.65 -6.56 5.02
N TYR B 294 17.59 -6.61 5.83
CA TYR B 294 16.94 -5.34 6.24
C TYR B 294 17.95 -4.54 7.11
N ILE B 295 18.69 -5.22 7.97
CA ILE B 295 19.71 -4.55 8.80
C ILE B 295 20.91 -4.11 7.92
N GLY B 296 21.39 -5.00 7.08
CA GLY B 296 22.59 -4.76 6.30
C GLY B 296 22.43 -3.73 5.20
N LYS B 297 21.36 -3.85 4.39
CA LYS B 297 21.16 -2.92 3.26
C LYS B 297 20.83 -1.52 3.74
N ASN B 298 20.25 -1.42 4.93
CA ASN B 298 19.88 -0.12 5.53
C ASN B 298 20.96 0.48 6.44
N GLY B 299 21.98 -0.31 6.73
CA GLY B 299 23.10 0.13 7.57
C GLY B 299 22.83 0.30 9.06
N PHE B 300 21.91 -0.49 9.62
CA PHE B 300 21.68 -0.49 11.10
C PHE B 300 22.81 -1.21 11.82
N PRO B 301 23.18 -0.73 13.02
CA PRO B 301 24.27 -1.29 13.77
C PRO B 301 23.93 -2.59 14.48
N GLY B 302 22.65 -2.89 14.66
CA GLY B 302 22.23 -4.05 15.43
C GLY B 302 20.72 -4.04 15.64
N ALA B 303 20.25 -4.89 16.53
CA ALA B 303 18.83 -5.11 16.75
C ALA B 303 18.49 -5.21 18.23
N ILE B 304 17.29 -4.77 18.55
CA ILE B 304 16.71 -4.83 19.89
C ILE B 304 15.46 -5.70 19.83
N ILE B 305 15.32 -6.64 20.77
CA ILE B 305 14.10 -7.47 20.86
C ILE B 305 13.50 -7.48 22.26
N GLY B 306 12.23 -7.09 22.36
CA GLY B 306 11.49 -7.20 23.62
C GLY B 306 11.13 -8.64 23.84
N LEU B 307 11.57 -9.21 24.96
CA LEU B 307 11.22 -10.60 25.27
C LEU B 307 10.10 -10.69 26.28
N SER B 308 9.07 -11.45 25.96
CA SER B 308 7.97 -11.72 26.89
C SER B 308 8.22 -12.98 27.72
N GLY B 309 9.20 -13.79 27.31
CA GLY B 309 9.34 -15.15 27.79
C GLY B 309 8.56 -16.15 26.97
N GLY B 310 7.68 -15.68 26.11
CA GLY B 310 6.87 -16.58 25.28
C GLY B 310 7.52 -16.97 23.95
N VAL B 311 6.83 -17.82 23.22
CA VAL B 311 7.36 -18.41 22.02
C VAL B 311 7.59 -17.42 20.86
N ASP B 312 6.73 -16.42 20.71
CA ASP B 312 6.84 -15.50 19.55
C ASP B 312 8.16 -14.72 19.62
N SER B 313 8.42 -14.10 20.76
CA SER B 313 9.66 -13.36 20.89
C SER B 313 10.88 -14.30 20.95
N ALA B 314 10.69 -15.51 21.42
CA ALA B 314 11.78 -16.52 21.34
C ALA B 314 12.20 -16.80 19.89
N LEU B 315 11.23 -16.99 19.04
CA LEU B 315 11.53 -17.21 17.60
C LEU B 315 12.26 -16.02 16.98
N VAL B 316 11.80 -14.79 17.27
CA VAL B 316 12.42 -13.61 16.72
C VAL B 316 13.87 -13.51 17.22
N LEU B 317 14.11 -13.83 18.49
CA LEU B 317 15.47 -13.79 19.04
C LEU B 317 16.37 -14.80 18.32
N ALA B 318 15.87 -16.02 18.10
CA ALA B 318 16.60 -17.03 17.38
C ALA B 318 16.98 -16.59 15.97
N VAL B 319 16.01 -16.05 15.25
CA VAL B 319 16.23 -15.56 13.90
C VAL B 319 17.26 -14.42 13.88
N ALA B 320 17.14 -13.46 14.81
CA ALA B 320 18.05 -12.32 14.85
C ALA B 320 19.47 -12.72 15.12
N VAL B 321 19.66 -13.64 16.05
CA VAL B 321 21.02 -14.10 16.36
C VAL B 321 21.63 -14.84 15.15
N ASP B 322 20.84 -15.71 14.51
CA ASP B 322 21.28 -16.36 13.28
C ASP B 322 21.59 -15.38 12.12
N ALA B 323 20.81 -14.30 12.00
CA ALA B 323 21.00 -13.30 10.97
C ALA B 323 22.20 -12.41 11.20
N LEU B 324 22.37 -11.96 12.45
CA LEU B 324 23.31 -10.87 12.77
C LEU B 324 24.51 -11.25 13.64
N GLY B 325 24.43 -12.39 14.31
CA GLY B 325 25.37 -12.74 15.39
C GLY B 325 24.97 -12.09 16.71
N ALA B 326 25.27 -12.77 17.80
CA ALA B 326 24.83 -12.34 19.13
C ALA B 326 25.33 -10.97 19.51
N GLU B 327 26.52 -10.61 19.07
CA GLU B 327 27.14 -9.34 19.46
C GLU B 327 26.36 -8.13 18.97
N ARG B 328 25.52 -8.34 17.96
CA ARG B 328 24.70 -7.27 17.39
C ARG B 328 23.22 -7.34 17.77
N VAL B 329 22.88 -8.16 18.77
CA VAL B 329 21.50 -8.30 19.26
C VAL B 329 21.43 -8.05 20.78
N ARG B 330 20.44 -7.31 21.23
CA ARG B 330 20.16 -7.26 22.67
C ARG B 330 18.72 -7.59 22.96
N ALA B 331 18.47 -8.11 24.18
CA ALA B 331 17.13 -8.52 24.58
C ALA B 331 16.72 -7.71 25.80
N VAL B 332 15.47 -7.30 25.84
CA VAL B 332 14.96 -6.50 26.98
C VAL B 332 13.64 -7.08 27.45
N MET B 333 13.56 -7.40 28.74
CA MET B 333 12.35 -7.88 29.38
C MET B 333 11.82 -6.73 30.23
N MET B 334 10.52 -6.49 30.16
CA MET B 334 9.91 -5.33 30.81
C MET B 334 8.72 -5.75 31.67
N PRO B 335 9.00 -6.27 32.87
CA PRO B 335 7.92 -6.83 33.67
C PRO B 335 7.02 -5.78 34.30
N SER B 336 5.74 -6.10 34.38
CA SER B 336 4.79 -5.31 35.19
C SER B 336 4.64 -5.96 36.54
N ARG B 337 3.77 -5.43 37.41
CA ARG B 337 3.45 -6.12 38.67
C ARG B 337 2.86 -7.50 38.48
N TYR B 338 2.08 -7.70 37.42
CA TYR B 338 1.42 -8.99 37.16
C TYR B 338 2.38 -10.05 36.58
N THR B 339 3.49 -9.61 36.00
CA THR B 339 4.38 -10.52 35.27
C THR B 339 4.85 -11.65 36.18
N ALA B 340 4.57 -12.87 35.73
CA ALA B 340 4.96 -14.08 36.47
C ALA B 340 6.46 -14.24 36.51
N GLY B 341 6.98 -14.71 37.64
CA GLY B 341 8.40 -15.02 37.76
C GLY B 341 8.90 -16.00 36.69
N ILE B 342 8.07 -16.97 36.31
CA ILE B 342 8.50 -17.89 35.26
C ILE B 342 8.75 -17.18 33.93
N SER B 343 8.04 -16.09 33.65
CA SER B 343 8.24 -15.37 32.40
C SER B 343 9.63 -14.72 32.33
N THR B 344 10.05 -14.05 33.41
CA THR B 344 11.39 -13.42 33.47
C THR B 344 12.49 -14.46 33.50
N THR B 345 12.25 -15.55 34.23
CA THR B 345 13.19 -16.65 34.22
C THR B 345 13.36 -17.25 32.82
N ASP B 346 12.25 -17.47 32.11
CA ASP B 346 12.30 -18.02 30.75
C ASP B 346 13.03 -17.10 29.77
N ALA B 347 12.76 -15.80 29.86
CA ALA B 347 13.40 -14.80 29.00
C ALA B 347 14.93 -14.77 29.24
N ALA B 348 15.32 -14.70 30.50
CA ALA B 348 16.76 -14.66 30.86
C ALA B 348 17.46 -15.93 30.42
N ASP B 349 16.77 -17.05 30.58
CA ASP B 349 17.29 -18.35 30.14
C ASP B 349 17.65 -18.32 28.66
N MET B 350 16.68 -18.00 27.81
CA MET B 350 16.98 -18.01 26.39
C MET B 350 18.07 -17.02 26.00
N ALA B 351 18.07 -15.82 26.59
CA ALA B 351 19.14 -14.84 26.29
C ALA B 351 20.49 -15.41 26.62
N ARG B 352 20.62 -16.11 27.73
CA ARG B 352 21.86 -16.80 28.08
C ARG B 352 22.25 -17.86 27.06
N ARG B 353 21.27 -18.63 26.59
CA ARG B 353 21.55 -19.69 25.63
C ARG B 353 22.16 -19.21 24.35
N VAL B 354 21.75 -18.02 23.88
CA VAL B 354 22.26 -17.47 22.63
C VAL B 354 23.36 -16.46 22.87
N GLY B 355 23.66 -16.17 24.13
CA GLY B 355 24.76 -15.27 24.47
C GLY B 355 24.54 -13.81 24.14
N VAL B 356 23.29 -13.33 24.28
CA VAL B 356 23.01 -11.92 24.04
C VAL B 356 22.89 -11.13 25.35
N ARG B 357 23.27 -9.87 25.28
CA ARG B 357 23.01 -8.91 26.33
C ARG B 357 21.53 -8.94 26.72
N TYR B 358 21.26 -8.99 28.02
CA TYR B 358 19.90 -9.07 28.55
C TYR B 358 19.73 -8.05 29.66
N ASP B 359 18.64 -7.27 29.61
CA ASP B 359 18.35 -6.28 30.67
C ASP B 359 16.89 -6.35 31.01
N GLU B 360 16.56 -6.05 32.28
CA GLU B 360 15.18 -5.97 32.69
C GLU B 360 14.90 -4.54 33.09
N ILE B 361 13.74 -4.04 32.66
CA ILE B 361 13.29 -2.69 33.03
C ILE B 361 11.85 -2.78 33.52
N ALA B 362 11.63 -2.49 34.80
CA ALA B 362 10.28 -2.59 35.37
C ALA B 362 9.42 -1.43 34.87
N ILE B 363 8.17 -1.73 34.54
CA ILE B 363 7.28 -0.67 34.00
C ILE B 363 6.26 -0.14 34.99
N ALA B 364 6.23 -0.74 36.18
CA ALA B 364 5.28 -0.31 37.22
C ALA B 364 5.27 1.21 37.48
N PRO B 365 6.46 1.87 37.60
CA PRO B 365 6.39 3.31 37.90
C PRO B 365 5.70 4.13 36.81
N MET B 366 5.92 3.75 35.55
CA MET B 366 5.30 4.46 34.46
C MET B 366 3.83 4.18 34.45
N PHE B 367 3.48 2.93 34.65
CA PHE B 367 2.07 2.53 34.61
C PHE B 367 1.29 3.21 35.73
N ASP B 368 1.86 3.24 36.91
CA ASP B 368 1.24 3.93 38.07
C ASP B 368 0.99 5.41 37.75
N ALA B 369 1.97 6.06 37.14
CA ALA B 369 1.88 7.49 36.77
C ALA B 369 0.76 7.70 35.75
N PHE B 370 0.70 6.86 34.72
CA PHE B 370 -0.41 6.94 33.74
C PHE B 370 -1.77 6.78 34.43
N ARG B 371 -1.85 5.78 35.27
CA ARG B 371 -3.07 5.46 35.96
C ARG B 371 -3.52 6.64 36.82
N ALA B 372 -2.57 7.25 37.52
CA ALA B 372 -2.81 8.48 38.30
C ALA B 372 -3.34 9.64 37.45
N SER B 373 -2.72 9.84 36.28
CA SER B 373 -3.07 10.96 35.39
C SER B 373 -4.48 10.84 34.83
N LEU B 374 -5.01 9.62 34.77
CA LEU B 374 -6.30 9.34 34.17
C LEU B 374 -7.34 9.03 35.24
N ALA B 375 -6.98 9.21 36.53
CA ALA B 375 -7.78 8.71 37.67
C ALA B 375 -9.19 9.30 37.66
N ALA B 376 -9.28 10.57 37.32
CA ALA B 376 -10.55 11.28 37.29
C ALA B 376 -11.54 10.76 36.24
N GLU B 377 -11.06 10.32 35.08
CA GLU B 377 -11.99 9.81 34.09
C GLU B 377 -12.25 8.35 34.16
N PHE B 378 -11.30 7.58 34.65
CA PHE B 378 -11.44 6.11 34.63
C PHE B 378 -11.93 5.52 35.97
N ALA B 379 -11.93 6.31 37.02
CA ALA B 379 -12.21 5.76 38.35
C ALA B 379 -13.60 5.10 38.38
N GLY B 380 -13.66 3.88 38.91
CA GLY B 380 -14.95 3.18 39.05
C GLY B 380 -15.32 2.36 37.81
N LEU B 381 -14.67 2.65 36.68
CA LEU B 381 -14.88 1.85 35.47
C LEU B 381 -14.09 0.58 35.57
N ALA B 382 -14.66 -0.50 35.03
CA ALA B 382 -13.96 -1.76 34.93
C ALA B 382 -12.69 -1.57 34.11
N GLU B 383 -11.60 -2.21 34.55
CA GLU B 383 -10.39 -2.31 33.77
C GLU B 383 -10.74 -3.19 32.58
N ASP B 384 -10.19 -2.87 31.41
CA ASP B 384 -10.46 -3.63 30.21
C ASP B 384 -9.19 -3.59 29.36
N ALA B 385 -9.30 -3.69 28.05
CA ALA B 385 -8.11 -3.63 27.19
C ALA B 385 -7.36 -2.30 27.32
N THR B 386 -8.03 -1.25 27.79
CA THR B 386 -7.39 0.07 27.86
C THR B 386 -6.10 0.00 28.67
N GLU B 387 -6.21 -0.56 29.89
CA GLU B 387 -5.08 -0.67 30.82
C GLU B 387 -3.98 -1.59 30.29
N GLU B 388 -4.36 -2.70 29.65
CA GLU B 388 -3.38 -3.62 29.02
C GLU B 388 -2.60 -2.90 27.91
N ASN B 389 -3.32 -2.09 27.13
CA ASN B 389 -2.74 -1.34 26.03
C ASN B 389 -1.75 -0.25 26.51
N ILE B 390 -2.04 0.38 27.65
CA ILE B 390 -1.12 1.36 28.20
C ILE B 390 0.23 0.66 28.52
N GLN B 391 0.14 -0.54 29.12
CA GLN B 391 1.33 -1.31 29.44
C GLN B 391 2.12 -1.61 28.18
N ALA B 392 1.45 -2.08 27.14
CA ALA B 392 2.11 -2.37 25.89
C ALA B 392 2.78 -1.15 25.27
N ARG B 393 2.12 0.01 25.38
CA ARG B 393 2.68 1.27 24.86
C ARG B 393 3.87 1.74 25.66
N ILE B 394 3.87 1.52 26.96
CA ILE B 394 5.05 1.83 27.79
C ILE B 394 6.27 1.03 27.30
N ARG B 395 6.06 -0.28 27.03
CA ARG B 395 7.10 -1.15 26.51
C ARG B 395 7.63 -0.70 25.18
N GLY B 396 6.73 -0.32 24.27
CA GLY B 396 7.14 0.22 22.96
C GLY B 396 7.96 1.49 23.07
N THR B 397 7.56 2.36 24.01
CA THR B 397 8.27 3.62 24.24
C THR B 397 9.69 3.33 24.77
N LEU B 398 9.83 2.37 25.69
CA LEU B 398 11.15 2.01 26.19
C LEU B 398 12.04 1.48 25.07
N LEU B 399 11.53 0.54 24.27
CA LEU B 399 12.37 -0.04 23.21
C LEU B 399 12.74 1.05 22.19
N MET B 400 11.79 1.91 21.85
CA MET B 400 12.07 3.00 20.91
C MET B 400 13.06 4.02 21.47
N ALA B 401 13.07 4.23 22.79
CA ALA B 401 14.07 5.06 23.42
C ALA B 401 15.47 4.47 23.26
N LEU B 402 15.61 3.18 23.47
CA LEU B 402 16.90 2.56 23.30
C LEU B 402 17.33 2.63 21.83
N SER B 403 16.38 2.41 20.92
CA SER B 403 16.63 2.51 19.49
C SER B 403 17.06 3.93 19.06
N ASN B 404 16.32 4.93 19.54
CA ASN B 404 16.60 6.33 19.23
C ASN B 404 17.98 6.74 19.76
N LYS B 405 18.34 6.30 20.98
CA LYS B 405 19.58 6.78 21.60
C LYS B 405 20.83 6.15 20.97
N PHE B 406 20.77 4.84 20.69
CA PHE B 406 21.93 4.08 20.23
C PHE B 406 21.87 3.55 18.81
N GLY B 407 20.71 3.58 18.19
CA GLY B 407 20.61 3.38 16.73
C GLY B 407 20.19 2.00 16.25
N SER B 408 20.07 1.01 17.13
CA SER B 408 19.64 -0.36 16.70
C SER B 408 18.15 -0.33 16.39
N ILE B 409 17.74 -1.20 15.46
CA ILE B 409 16.37 -1.36 15.09
C ILE B 409 15.64 -2.29 16.03
N VAL B 410 14.38 -1.96 16.37
CA VAL B 410 13.51 -2.84 17.15
C VAL B 410 12.83 -3.85 16.19
N LEU B 411 13.01 -5.14 16.48
CA LEU B 411 12.34 -6.20 15.75
C LEU B 411 11.10 -6.59 16.53
N THR B 412 9.95 -6.45 15.91
CA THR B 412 8.67 -6.66 16.61
C THR B 412 8.25 -8.10 16.46
N THR B 413 7.41 -8.56 17.38
CA THR B 413 7.23 -10.00 17.56
C THR B 413 5.78 -10.47 17.38
N GLY B 414 4.95 -9.62 16.79
CA GLY B 414 3.55 -10.00 16.52
C GLY B 414 3.46 -11.02 15.38
N ASN B 415 2.70 -12.10 15.61
CA ASN B 415 2.58 -13.17 14.60
C ASN B 415 1.34 -12.94 13.70
N LYS B 416 1.20 -13.73 12.64
CA LYS B 416 0.12 -13.50 11.65
C LYS B 416 -1.26 -13.70 12.28
N SER B 417 -1.37 -14.68 13.15
CA SER B 417 -2.64 -14.95 13.84
C SER B 417 -3.05 -13.74 14.67
N GLU B 418 -2.12 -13.18 15.41
CA GLU B 418 -2.36 -11.98 16.21
C GLU B 418 -2.70 -10.77 15.35
N MET B 419 -1.97 -10.59 14.27
CA MET B 419 -2.29 -9.51 13.31
C MET B 419 -3.72 -9.66 12.78
N ALA B 420 -4.12 -10.89 12.50
CA ALA B 420 -5.43 -11.20 11.93
C ALA B 420 -6.54 -10.81 12.86
N VAL B 421 -6.47 -11.24 14.10
CA VAL B 421 -7.62 -11.05 15.02
C VAL B 421 -7.45 -9.89 15.96
N GLY B 422 -6.36 -9.14 15.76
CA GLY B 422 -6.14 -7.91 16.47
C GLY B 422 -5.67 -8.10 17.88
N TYR B 423 -5.13 -9.29 18.20
CA TYR B 423 -4.51 -9.55 19.50
C TYR B 423 -3.13 -8.90 19.48
N CYS B 424 -3.14 -7.57 19.43
CA CYS B 424 -1.95 -6.74 19.29
C CYS B 424 -2.36 -5.31 19.63
N THR B 425 -1.36 -4.46 19.90
CA THR B 425 -1.63 -3.07 20.34
C THR B 425 -0.84 -2.13 19.47
N LEU B 426 -1.54 -1.22 18.78
CA LEU B 426 -0.87 -0.15 18.10
C LEU B 426 0.09 0.54 19.06
N TYR B 427 1.31 0.80 18.60
CA TYR B 427 2.31 1.59 19.37
C TYR B 427 2.82 0.85 20.60
N GLY B 428 2.42 -0.40 20.77
CA GLY B 428 2.77 -1.18 21.96
C GLY B 428 3.68 -2.34 21.60
N ASP B 429 3.10 -3.53 21.51
CA ASP B 429 3.83 -4.68 20.95
C ASP B 429 4.05 -4.54 19.43
N MET B 430 3.36 -3.60 18.79
CA MET B 430 3.60 -3.31 17.37
C MET B 430 4.67 -2.26 17.11
N ALA B 431 5.20 -1.65 18.18
CA ALA B 431 6.19 -0.57 18.03
C ALA B 431 7.55 -1.10 17.60
N GLY B 432 8.03 -0.64 16.46
CA GLY B 432 9.34 -1.06 15.99
C GLY B 432 9.54 -0.87 14.50
N GLY B 433 10.67 -1.38 14.00
CA GLY B 433 11.08 -1.14 12.67
C GLY B 433 10.79 -2.24 11.71
N PHE B 434 10.66 -3.49 12.20
CA PHE B 434 10.58 -4.63 11.29
C PHE B 434 9.90 -5.80 11.97
N ALA B 435 8.81 -6.28 11.38
CA ALA B 435 7.94 -7.29 11.96
C ALA B 435 8.32 -8.64 11.38
N VAL B 436 9.27 -9.27 12.07
CA VAL B 436 9.95 -10.47 11.57
C VAL B 436 8.98 -11.61 11.29
N ILE B 437 7.98 -11.81 12.15
CA ILE B 437 7.07 -12.94 12.05
C ILE B 437 5.63 -12.59 11.75
N LYS B 438 5.44 -11.42 11.12
CA LYS B 438 4.13 -10.94 10.77
C LYS B 438 3.35 -11.90 9.82
N ASP B 439 4.06 -12.76 9.09
CA ASP B 439 3.41 -13.71 8.18
C ASP B 439 3.50 -15.18 8.65
N ILE B 440 3.81 -15.37 9.92
CA ILE B 440 3.91 -16.68 10.53
C ILE B 440 2.72 -16.90 11.46
N ALA B 441 1.86 -17.83 11.10
CA ALA B 441 0.70 -18.17 11.94
C ALA B 441 1.21 -18.79 13.22
N LYS B 442 0.47 -18.64 14.31
CA LYS B 442 0.88 -19.19 15.60
C LYS B 442 1.28 -20.68 15.52
N THR B 443 0.49 -21.48 14.81
CA THR B 443 0.83 -22.90 14.63
C THR B 443 2.25 -23.12 14.03
N LEU B 444 2.59 -22.27 13.07
CA LEU B 444 3.88 -22.35 12.40
C LEU B 444 5.00 -21.81 13.29
N VAL B 445 4.70 -20.87 14.19
CA VAL B 445 5.71 -20.38 15.13
C VAL B 445 6.28 -21.57 15.91
N TYR B 446 5.39 -22.40 16.47
CA TYR B 446 5.82 -23.62 17.21
C TYR B 446 6.66 -24.55 16.34
N ARG B 447 6.21 -24.79 15.12
CA ARG B 447 6.91 -25.72 14.22
C ARG B 447 8.31 -25.20 13.90
N LEU B 448 8.44 -23.87 13.70
CA LEU B 448 9.74 -23.29 13.38
C LEU B 448 10.71 -23.34 14.57
N CYS B 449 10.20 -23.14 15.79
CA CYS B 449 11.04 -23.28 17.00
C CYS B 449 11.56 -24.72 17.13
N ARG B 450 10.70 -25.72 16.87
CA ARG B 450 11.14 -27.13 16.94
CA ARG B 450 11.17 -27.11 16.96
C ARG B 450 12.19 -27.41 15.86
N TYR B 451 11.93 -26.88 14.65
CA TYR B 451 12.87 -26.96 13.55
C TYR B 451 14.24 -26.41 13.92
N ARG B 452 14.28 -25.16 14.44
CA ARG B 452 15.54 -24.50 14.71
C ARG B 452 16.29 -25.20 15.86
N ASN B 453 15.55 -25.66 16.83
CA ASN B 453 16.18 -26.36 17.97
C ASN B 453 16.94 -27.59 17.51
N ALA B 454 16.46 -28.20 16.43
CA ALA B 454 17.05 -29.44 15.86
C ALA B 454 18.06 -29.23 14.72
N ALA B 455 18.21 -27.99 14.25
CA ALA B 455 18.99 -27.69 13.05
C ALA B 455 20.47 -27.48 13.36
N ALA B 456 21.25 -28.56 13.27
CA ALA B 456 22.68 -28.57 13.63
C ALA B 456 23.49 -27.43 12.98
N GLU B 457 23.21 -27.18 11.70
CA GLU B 457 24.01 -26.23 10.90
C GLU B 457 24.09 -24.81 11.45
N TYR B 458 23.13 -24.41 12.29
CA TYR B 458 23.08 -23.04 12.79
C TYR B 458 24.01 -22.85 14.00
N GLY B 459 24.58 -23.94 14.50
CA GLY B 459 25.44 -23.93 15.66
C GLY B 459 24.66 -24.43 16.87
N GLN B 460 24.39 -23.54 17.82
CA GLN B 460 23.86 -23.93 19.10
C GLN B 460 22.45 -24.60 18.98
N PRO B 461 22.31 -25.88 19.39
CA PRO B 461 21.00 -26.52 19.39
C PRO B 461 20.15 -26.14 20.58
N ASP B 462 18.86 -26.46 20.50
CA ASP B 462 17.95 -26.35 21.64
C ASP B 462 18.06 -25.01 22.36
N ILE B 463 17.86 -23.96 21.58
CA ILE B 463 17.93 -22.59 22.11
C ILE B 463 16.58 -22.01 22.60
N VAL B 464 15.47 -22.50 22.06
CA VAL B 464 14.14 -22.11 22.53
C VAL B 464 13.72 -23.13 23.59
N PRO B 465 13.45 -22.66 24.86
CA PRO B 465 13.19 -23.62 25.95
C PRO B 465 12.09 -24.58 25.63
N GLU B 466 12.36 -25.88 25.78
CA GLU B 466 11.37 -26.90 25.41
C GLU B 466 10.04 -26.71 26.14
N ARG B 467 10.10 -26.24 27.37
CA ARG B 467 8.91 -26.11 28.17
C ARG B 467 7.92 -25.08 27.61
N ILE B 468 8.40 -24.09 26.87
CA ILE B 468 7.45 -23.14 26.25
C ILE B 468 6.80 -23.74 24.99
N LEU B 469 7.40 -24.78 24.42
CA LEU B 469 6.86 -25.45 23.21
C LEU B 469 5.83 -26.58 23.50
N THR B 470 5.89 -27.13 24.71
CA THR B 470 4.97 -28.18 25.15
C THR B 470 3.77 -27.54 25.89
N ARG B 471 3.87 -26.24 26.17
CA ARG B 471 2.75 -25.47 26.74
C ARG B 471 1.88 -24.96 25.61
N LEU B 487 16.92 23.61 8.31
CA LEU B 487 16.04 23.57 7.13
C LEU B 487 15.81 24.95 6.53
N PRO B 488 15.52 25.01 5.23
CA PRO B 488 15.05 26.26 4.65
C PRO B 488 13.72 26.68 5.27
N PRO B 489 13.33 27.97 5.12
CA PRO B 489 12.00 28.43 5.54
C PRO B 489 10.90 27.69 4.79
N TYR B 490 9.71 27.65 5.36
CA TYR B 490 8.63 26.80 4.81
C TYR B 490 8.27 27.06 3.38
N ASP B 491 8.33 28.31 2.94
CA ASP B 491 7.94 28.63 1.57
C ASP B 491 8.89 27.97 0.56
N VAL B 492 10.16 27.93 0.92
CA VAL B 492 11.19 27.30 0.10
C VAL B 492 11.07 25.77 0.19
N LEU B 493 10.94 25.27 1.42
CA LEU B 493 10.85 23.85 1.67
C LEU B 493 9.67 23.29 0.92
N ASP B 494 8.53 23.96 1.04
CA ASP B 494 7.32 23.47 0.35
C ASP B 494 7.44 23.50 -1.19
N ALA B 495 8.12 24.52 -1.73
CA ALA B 495 8.41 24.57 -3.18
C ALA B 495 9.27 23.39 -3.67
N ILE B 496 10.34 23.13 -2.95
CA ILE B 496 11.21 21.99 -3.27
C ILE B 496 10.42 20.66 -3.14
N MET B 497 9.61 20.52 -2.08
CA MET B 497 8.77 19.31 -1.91
C MET B 497 7.80 19.14 -3.06
N ARG B 498 7.16 20.23 -3.48
CA ARG B 498 6.23 20.11 -4.61
C ARG B 498 6.94 19.61 -5.86
N MET B 499 8.08 20.21 -6.18
CA MET B 499 8.81 19.79 -7.38
C MET B 499 9.35 18.37 -7.29
N TYR B 500 9.89 18.00 -6.14
CA TYR B 500 10.54 16.70 -6.00
C TYR B 500 9.54 15.59 -5.77
N MET B 501 8.63 15.82 -4.85
CA MET B 501 7.71 14.78 -4.41
C MET B 501 6.53 14.77 -5.33
N GLU B 502 5.88 15.91 -5.51
CA GLU B 502 4.62 15.94 -6.25
C GLU B 502 4.83 15.78 -7.73
N GLU B 503 5.96 16.26 -8.24
CA GLU B 503 6.17 16.36 -9.70
CA GLU B 503 6.18 16.34 -9.71
C GLU B 503 7.37 15.50 -10.22
N ASP B 504 8.05 14.78 -9.33
CA ASP B 504 9.16 13.87 -9.71
C ASP B 504 10.23 14.52 -10.56
N ARG B 505 10.55 15.76 -10.22
CA ARG B 505 11.54 16.50 -11.02
C ARG B 505 12.94 16.12 -10.58
N PRO B 506 13.86 16.03 -11.55
CA PRO B 506 15.27 15.86 -11.20
C PRO B 506 15.82 16.99 -10.34
N LEU B 507 16.72 16.67 -9.43
CA LEU B 507 17.30 17.68 -8.53
C LEU B 507 17.90 18.86 -9.34
N ALA B 508 18.58 18.56 -10.46
CA ALA B 508 19.21 19.64 -11.25
C ALA B 508 18.16 20.64 -11.79
N GLU B 509 16.95 20.16 -12.06
CA GLU B 509 15.88 21.05 -12.54
C GLU B 509 15.30 21.87 -11.39
N ILE B 510 15.35 21.33 -10.17
CA ILE B 510 14.90 22.07 -8.99
C ILE B 510 15.90 23.21 -8.73
N VAL B 511 17.20 22.89 -8.79
CA VAL B 511 18.26 23.92 -8.63
C VAL B 511 18.10 25.00 -9.71
N ALA B 512 17.85 24.60 -10.95
CA ALA B 512 17.72 25.56 -12.06
C ALA B 512 16.50 26.48 -11.92
N ALA B 513 15.49 26.06 -11.16
CA ALA B 513 14.32 26.91 -10.91
C ALA B 513 14.60 27.97 -9.84
N GLY B 514 15.83 28.01 -9.32
CA GLY B 514 16.27 29.06 -8.43
C GLY B 514 16.43 28.69 -6.98
N TYR B 515 16.55 27.39 -6.69
CA TYR B 515 16.77 26.93 -5.33
C TYR B 515 18.22 26.49 -5.17
N SER B 516 18.79 26.65 -3.99
CA SER B 516 20.21 26.36 -3.82
C SER B 516 20.45 24.86 -3.81
N GLU B 517 21.66 24.45 -4.24
CA GLU B 517 22.05 23.03 -4.20
C GLU B 517 22.00 22.52 -2.78
N ALA B 518 22.45 23.34 -1.83
CA ALA B 518 22.43 22.97 -0.40
C ALA B 518 20.99 22.68 0.06
N ASP B 519 20.06 23.56 -0.28
CA ASP B 519 18.63 23.38 0.10
C ASP B 519 17.97 22.18 -0.58
N VAL B 520 18.21 22.02 -1.88
CA VAL B 520 17.64 20.89 -2.61
C VAL B 520 18.18 19.57 -2.05
N LYS B 521 19.50 19.49 -1.84
CA LYS B 521 20.08 18.28 -1.28
C LYS B 521 19.51 17.93 0.11
N ARG B 522 19.44 18.94 0.99
CA ARG B 522 18.98 18.75 2.36
C ARG B 522 17.54 18.27 2.40
N VAL B 523 16.65 18.97 1.70
CA VAL B 523 15.24 18.61 1.72
C VAL B 523 15.00 17.21 1.10
N THR B 524 15.60 16.93 -0.06
CA THR B 524 15.30 15.66 -0.76
C THR B 524 15.91 14.47 -0.02
N ARG B 525 17.07 14.66 0.61
CA ARG B 525 17.64 13.60 1.43
C ARG B 525 16.74 13.26 2.60
N LEU B 526 16.17 14.27 3.24
CA LEU B 526 15.29 14.04 4.38
C LEU B 526 14.02 13.35 3.94
N ILE B 527 13.52 13.66 2.73
CA ILE B 527 12.32 12.99 2.23
C ILE B 527 12.62 11.49 2.12
N LYS B 528 13.78 11.14 1.56
CA LYS B 528 14.13 9.72 1.42
C LYS B 528 14.27 9.00 2.75
N ILE B 529 15.03 9.63 3.65
CA ILE B 529 15.39 9.11 4.97
C ILE B 529 14.14 8.73 5.76
N ASN B 530 13.07 9.50 5.59
CA ASN B 530 11.87 9.34 6.38
C ASN B 530 10.78 8.50 5.80
N GLU B 531 11.10 7.74 4.77
CA GLU B 531 10.13 6.79 4.23
C GLU B 531 9.63 5.79 5.27
N TYR B 532 10.55 5.30 6.09
CA TYR B 532 10.18 4.28 7.11
C TYR B 532 9.09 4.78 8.07
N LYS B 533 9.12 6.07 8.33
CA LYS B 533 8.22 6.68 9.29
C LYS B 533 6.85 6.92 8.68
N ARG B 534 6.84 7.47 7.46
CA ARG B 534 5.60 7.70 6.76
C ARG B 534 4.81 6.41 6.52
N ARG B 535 5.53 5.30 6.30
CA ARG B 535 4.89 4.02 6.01
C ARG B 535 4.12 3.42 7.21
N GLN B 536 4.28 3.98 8.41
CA GLN B 536 3.45 3.60 9.55
C GLN B 536 2.44 4.67 9.97
N ALA B 537 2.30 5.74 9.18
CA ALA B 537 1.41 6.83 9.50
C ALA B 537 -0.06 6.39 9.34
N PRO B 538 -0.98 7.00 10.12
CA PRO B 538 -2.39 6.80 9.84
C PRO B 538 -2.73 7.32 8.45
N VAL B 539 -3.82 6.78 7.89
CA VAL B 539 -4.37 7.30 6.66
C VAL B 539 -4.73 8.75 6.85
N GLY B 540 -4.62 9.52 5.77
CA GLY B 540 -4.94 10.93 5.81
C GLY B 540 -5.62 11.35 4.54
N ILE B 541 -6.10 12.58 4.54
CA ILE B 541 -6.97 13.06 3.47
C ILE B 541 -6.18 13.61 2.28
N ARG B 542 -6.39 13.00 1.10
CA ARG B 542 -5.77 13.48 -0.13
C ARG B 542 -6.49 14.71 -0.72
N VAL B 543 -5.75 15.80 -0.93
CA VAL B 543 -6.27 16.98 -1.66
C VAL B 543 -5.37 17.43 -2.81
N THR B 544 -4.19 16.85 -2.92
CA THR B 544 -3.28 17.13 -4.04
C THR B 544 -3.32 15.97 -4.98
N HIS B 545 -2.65 16.13 -6.11
CA HIS B 545 -2.54 15.06 -7.08
C HIS B 545 -1.45 14.07 -6.75
N ARG B 546 -0.69 14.28 -5.65
CA ARG B 546 0.33 13.31 -5.25
C ARG B 546 0.56 13.36 -3.73
N ALA B 547 -0.32 12.65 -3.00
CA ALA B 547 -0.25 12.57 -1.56
C ALA B 547 0.64 11.42 -1.11
N PHE B 548 0.90 11.36 0.20
CA PHE B 548 1.67 10.25 0.79
C PHE B 548 0.74 9.06 1.11
N GLY B 549 -0.12 8.72 0.18
CA GLY B 549 -0.95 7.52 0.26
C GLY B 549 -0.62 6.65 -0.94
N ARG B 550 -1.66 6.14 -1.58
CA ARG B 550 -1.48 5.31 -2.77
C ARG B 550 -0.79 6.01 -3.93
N ASP B 551 -0.75 7.34 -3.95
CA ASP B 551 0.03 8.03 -4.96
C ASP B 551 1.56 7.80 -4.85
N TRP B 552 2.02 7.41 -3.66
CA TRP B 552 3.46 7.44 -3.33
C TRP B 552 3.83 6.09 -2.74
N ARG B 553 4.38 5.22 -3.58
CA ARG B 553 4.67 3.84 -3.22
C ARG B 553 6.14 3.63 -3.39
N TYR B 554 6.88 3.86 -2.31
CA TYR B 554 8.35 3.83 -2.37
C TYR B 554 8.90 2.69 -1.52
N PRO B 555 10.07 2.16 -1.91
CA PRO B 555 10.75 1.20 -1.06
C PRO B 555 11.29 1.89 0.18
N ILE B 556 11.34 1.18 1.31
CA ILE B 556 12.14 1.67 2.47
C ILE B 556 13.62 1.39 2.23
N THR B 557 13.94 0.14 1.89
CA THR B 557 15.28 -0.27 1.58
C THR B 557 15.64 0.24 0.20
N SER B 558 16.54 1.22 0.18
CA SER B 558 16.93 1.86 -1.07
C SER B 558 18.22 2.64 -0.86
N ARG B 559 19.14 2.48 -1.80
CA ARG B 559 20.38 3.24 -1.80
C ARG B 559 20.46 4.27 -2.98
N PHE B 560 19.32 4.66 -3.53
CA PHE B 560 19.30 5.59 -4.64
C PHE B 560 19.60 6.98 -4.12
N VAL B 561 20.71 7.52 -4.59
CA VAL B 561 21.12 8.89 -4.28
C VAL B 561 21.34 9.58 -5.61
N GLU B 562 20.50 10.54 -5.90
CA GLU B 562 20.47 11.20 -7.17
C GLU B 562 21.53 12.28 -7.18
N SER B 563 22.21 12.47 -8.31
CA SER B 563 23.24 13.51 -8.36
C SER B 563 22.55 14.89 -8.43
N ILE B 564 23.16 15.87 -7.77
CA ILE B 564 22.61 17.22 -7.65
C ILE B 564 22.71 18.00 -8.96
N ASP B 565 23.66 17.59 -9.81
CA ASP B 565 23.87 18.22 -11.11
C ASP B 565 23.77 17.20 -12.23
#